data_2LQX
#
_entry.id   2LQX
#
_entity_poly.entity_id   1
_entity_poly.type   'polypeptide(L)'
_entity_poly.pdbx_seq_one_letter_code
;SEKPQQELEECQNVCRMKRWSTEMVHRCEKKCEEKFERQQR
;
_entity_poly.pdbx_strand_id   A
#
# COMPACT_ATOMS: atom_id res chain seq x y z
N SER A 1 -9.31 -10.47 9.40
CA SER A 1 -10.03 -9.82 8.31
C SER A 1 -10.73 -10.84 7.42
N GLU A 2 -11.40 -10.35 6.39
CA GLU A 2 -12.12 -11.23 5.46
C GLU A 2 -11.61 -11.04 4.04
N LYS A 3 -11.23 -9.81 3.71
CA LYS A 3 -10.72 -9.51 2.38
C LYS A 3 -9.29 -10.03 2.21
N PRO A 4 -8.87 -10.20 0.94
CA PRO A 4 -7.53 -10.69 0.61
C PRO A 4 -6.45 -9.67 0.94
N GLN A 5 -6.16 -9.51 2.23
CA GLN A 5 -5.14 -8.56 2.67
C GLN A 5 -3.75 -9.07 2.33
N GLN A 6 -3.67 -10.33 1.91
CA GLN A 6 -2.39 -10.93 1.54
C GLN A 6 -1.67 -10.10 0.48
N GLU A 7 -2.45 -9.47 -0.38
CA GLU A 7 -1.89 -8.63 -1.44
C GLU A 7 -1.36 -7.32 -0.88
N LEU A 8 -2.06 -6.78 0.11
CA LEU A 8 -1.65 -5.52 0.74
C LEU A 8 -0.24 -5.62 1.29
N GLU A 9 0.03 -6.70 2.02
CA GLU A 9 1.35 -6.92 2.60
C GLU A 9 2.45 -6.76 1.55
N GLU A 10 2.14 -7.18 0.33
CA GLU A 10 3.10 -7.10 -0.77
C GLU A 10 3.28 -5.65 -1.22
N CYS A 11 2.17 -4.98 -1.49
CA CYS A 11 2.20 -3.59 -1.93
C CYS A 11 2.98 -2.72 -0.95
N GLN A 12 2.73 -2.93 0.34
CA GLN A 12 3.40 -2.16 1.39
C GLN A 12 4.89 -2.51 1.43
N ASN A 13 5.19 -3.80 1.54
CA ASN A 13 6.57 -4.26 1.60
C ASN A 13 7.38 -3.66 0.46
N VAL A 14 6.76 -3.54 -0.70
CA VAL A 14 7.41 -2.98 -1.88
C VAL A 14 7.71 -1.50 -1.71
N CYS A 15 6.71 -0.76 -1.22
CA CYS A 15 6.85 0.67 -1.00
C CYS A 15 8.03 0.97 -0.08
N ARG A 16 8.18 0.16 0.96
CA ARG A 16 9.26 0.33 1.92
C ARG A 16 10.60 -0.02 1.29
N MET A 17 10.56 -0.80 0.21
CA MET A 17 11.78 -1.21 -0.48
C MET A 17 12.17 -0.19 -1.55
N LYS A 18 11.43 0.93 -1.59
CA LYS A 18 11.70 1.98 -2.55
C LYS A 18 12.94 2.77 -2.17
N ARG A 19 13.61 3.35 -3.18
CA ARG A 19 14.81 4.13 -2.94
C ARG A 19 14.49 5.62 -2.84
N TRP A 20 13.27 5.92 -2.37
CA TRP A 20 12.84 7.30 -2.23
C TRP A 20 12.85 7.73 -0.77
N SER A 21 12.65 9.03 -0.54
CA SER A 21 12.64 9.56 0.82
C SER A 21 11.48 8.99 1.63
N THR A 22 11.56 9.11 2.94
CA THR A 22 10.52 8.60 3.83
C THR A 22 9.14 9.11 3.39
N GLU A 23 9.10 10.33 2.88
CA GLU A 23 7.85 10.93 2.43
C GLU A 23 7.23 10.11 1.31
N MET A 24 8.06 9.73 0.33
CA MET A 24 7.58 8.95 -0.80
C MET A 24 7.11 7.56 -0.35
N VAL A 25 7.83 6.99 0.61
CA VAL A 25 7.48 5.67 1.12
C VAL A 25 6.18 5.72 1.93
N HIS A 26 5.97 6.82 2.64
CA HIS A 26 4.77 6.99 3.45
C HIS A 26 3.53 7.06 2.56
N ARG A 27 3.54 7.99 1.60
CA ARG A 27 2.41 8.16 0.70
C ARG A 27 2.09 6.83 -0.02
N CYS A 28 3.13 6.18 -0.52
CA CYS A 28 2.95 4.91 -1.22
C CYS A 28 2.16 3.93 -0.38
N GLU A 29 2.60 3.71 0.86
CA GLU A 29 1.93 2.79 1.76
C GLU A 29 0.47 3.19 1.97
N LYS A 30 0.27 4.43 2.40
CA LYS A 30 -1.08 4.95 2.63
C LYS A 30 -1.95 4.79 1.39
N LYS A 31 -1.33 4.90 0.22
CA LYS A 31 -2.04 4.76 -1.04
C LYS A 31 -2.54 3.34 -1.24
N CYS A 32 -1.62 2.38 -1.11
CA CYS A 32 -1.96 0.97 -1.27
C CYS A 32 -3.03 0.55 -0.26
N GLU A 33 -3.09 1.26 0.87
CA GLU A 33 -4.07 0.95 1.91
C GLU A 33 -5.46 1.42 1.50
N GLU A 34 -5.53 2.64 0.95
CA GLU A 34 -6.81 3.20 0.52
C GLU A 34 -7.28 2.57 -0.77
N LYS A 35 -6.34 2.31 -1.68
CA LYS A 35 -6.66 1.69 -2.96
C LYS A 35 -7.14 0.26 -2.77
N PHE A 36 -6.91 -0.29 -1.58
CA PHE A 36 -7.32 -1.65 -1.28
C PHE A 36 -8.81 -1.70 -0.95
N GLU A 37 -9.28 -0.73 -0.18
CA GLU A 37 -10.69 -0.67 0.19
C GLU A 37 -11.58 -0.52 -1.03
N ARG A 38 -12.62 -1.33 -1.11
CA ARG A 38 -13.55 -1.29 -2.23
C ARG A 38 -14.30 0.03 -2.26
N GLN A 39 -14.98 0.30 -3.37
CA GLN A 39 -15.75 1.53 -3.53
C GLN A 39 -14.83 2.74 -3.46
N GLN A 40 -13.60 2.59 -3.96
CA GLN A 40 -12.63 3.67 -3.95
C GLN A 40 -12.73 4.49 -5.23
N ARG A 41 -13.79 4.26 -6.01
CA ARG A 41 -13.99 4.98 -7.26
C ARG A 41 -15.49 5.19 -7.51
N SER A 1 -6.32 -17.16 7.29
CA SER A 1 -5.91 -15.79 6.99
C SER A 1 -6.42 -15.37 5.61
N GLU A 2 -7.67 -15.68 5.32
CA GLU A 2 -8.27 -15.34 4.04
C GLU A 2 -9.09 -14.05 4.15
N LYS A 3 -8.59 -12.99 3.53
CA LYS A 3 -9.27 -11.70 3.55
C LYS A 3 -8.84 -10.84 2.38
N PRO A 4 -9.65 -9.82 2.05
CA PRO A 4 -9.38 -8.90 0.95
C PRO A 4 -8.20 -7.98 1.24
N GLN A 5 -7.77 -7.97 2.51
CA GLN A 5 -6.65 -7.13 2.91
C GLN A 5 -5.33 -7.68 2.37
N GLN A 6 -5.38 -8.88 1.82
CA GLN A 6 -4.20 -9.52 1.25
C GLN A 6 -3.53 -8.61 0.21
N GLU A 7 -4.34 -7.81 -0.48
CA GLU A 7 -3.84 -6.91 -1.49
C GLU A 7 -3.15 -5.70 -0.85
N LEU A 8 -3.57 -5.35 0.35
CA LEU A 8 -3.00 -4.22 1.07
C LEU A 8 -1.57 -4.52 1.50
N GLU A 9 -1.37 -5.62 2.20
CA GLU A 9 -0.05 -6.02 2.67
C GLU A 9 0.95 -6.02 1.51
N GLU A 10 0.45 -6.33 0.31
CA GLU A 10 1.31 -6.36 -0.87
C GLU A 10 1.64 -4.96 -1.34
N CYS A 11 0.65 -4.07 -1.32
CA CYS A 11 0.83 -2.69 -1.74
C CYS A 11 1.85 -1.98 -0.83
N GLN A 12 1.65 -2.08 0.47
CA GLN A 12 2.54 -1.45 1.43
C GLN A 12 3.93 -2.07 1.37
N ASN A 13 3.98 -3.40 1.29
CA ASN A 13 5.26 -4.11 1.22
C ASN A 13 6.11 -3.59 0.07
N VAL A 14 5.47 -3.31 -1.06
CA VAL A 14 6.17 -2.81 -2.23
C VAL A 14 6.66 -1.38 -2.01
N CYS A 15 5.81 -0.56 -1.40
CA CYS A 15 6.16 0.83 -1.13
C CYS A 15 7.46 0.92 -0.31
N ARG A 16 7.56 0.05 0.69
CA ARG A 16 8.74 0.03 1.55
C ARG A 16 9.98 -0.39 0.77
N MET A 17 9.77 -1.07 -0.36
CA MET A 17 10.86 -1.53 -1.20
C MET A 17 11.27 -0.44 -2.19
N LYS A 18 10.64 0.72 -2.09
CA LYS A 18 10.95 1.84 -2.97
C LYS A 18 12.28 2.49 -2.59
N ARG A 19 12.98 3.02 -3.60
CA ARG A 19 14.26 3.67 -3.37
C ARG A 19 14.09 5.18 -3.22
N TRP A 20 12.93 5.59 -2.71
CA TRP A 20 12.65 7.01 -2.52
C TRP A 20 12.73 7.39 -1.05
N SER A 21 12.77 8.69 -0.78
CA SER A 21 12.86 9.19 0.60
C SER A 21 11.76 8.58 1.46
N THR A 22 11.98 8.57 2.77
CA THR A 22 11.01 8.02 3.70
C THR A 22 9.63 8.63 3.49
N GLU A 23 9.61 9.87 3.02
CA GLU A 23 8.35 10.57 2.76
C GLU A 23 7.53 9.85 1.69
N MET A 24 8.19 9.46 0.62
CA MET A 24 7.53 8.76 -0.48
C MET A 24 7.02 7.39 -0.01
N VAL A 25 7.74 6.78 0.92
CA VAL A 25 7.36 5.47 1.44
C VAL A 25 6.14 5.58 2.34
N HIS A 26 6.13 6.60 3.20
CA HIS A 26 5.01 6.81 4.11
C HIS A 26 3.72 7.10 3.34
N ARG A 27 3.77 8.13 2.50
CA ARG A 27 2.61 8.52 1.71
C ARG A 27 2.09 7.34 0.89
N CYS A 28 3.01 6.62 0.24
CA CYS A 28 2.63 5.47 -0.57
C CYS A 28 1.79 4.48 0.23
N GLU A 29 2.25 4.14 1.42
CA GLU A 29 1.54 3.21 2.29
C GLU A 29 0.18 3.77 2.69
N LYS A 30 0.19 4.98 3.25
CA LYS A 30 -1.04 5.63 3.68
C LYS A 30 -2.04 5.71 2.53
N LYS A 31 -1.53 5.87 1.31
CA LYS A 31 -2.38 5.95 0.13
C LYS A 31 -3.07 4.62 -0.14
N CYS A 32 -2.28 3.56 -0.21
CA CYS A 32 -2.82 2.22 -0.46
C CYS A 32 -3.83 1.83 0.61
N GLU A 33 -3.69 2.43 1.79
CA GLU A 33 -4.59 2.13 2.90
C GLU A 33 -5.94 2.81 2.70
N GLU A 34 -5.92 4.08 2.29
CA GLU A 34 -7.14 4.83 2.05
C GLU A 34 -7.82 4.38 0.76
N LYS A 35 -7.01 4.11 -0.26
CA LYS A 35 -7.52 3.68 -1.55
C LYS A 35 -8.14 2.28 -1.45
N PHE A 36 -7.85 1.59 -0.35
CA PHE A 36 -8.38 0.25 -0.14
C PHE A 36 -9.85 0.30 0.26
N GLU A 37 -10.29 1.47 0.74
CA GLU A 37 -11.68 1.65 1.16
C GLU A 37 -12.63 1.36 0.00
N ARG A 38 -12.13 1.47 -1.22
CA ARG A 38 -12.93 1.22 -2.41
C ARG A 38 -12.09 0.58 -3.52
N GLN A 39 -12.32 -0.70 -3.75
CA GLN A 39 -11.59 -1.43 -4.78
C GLN A 39 -12.04 -1.02 -6.18
N GLN A 40 -11.10 -0.55 -6.99
CA GLN A 40 -11.41 -0.13 -8.35
C GLN A 40 -10.13 0.00 -9.17
N ARG A 41 -10.29 0.15 -10.49
CA ARG A 41 -9.16 0.28 -11.39
C ARG A 41 -9.48 1.22 -12.55
N SER A 1 -16.55 -9.01 0.89
CA SER A 1 -17.02 -10.29 1.40
C SER A 1 -15.86 -11.12 1.93
N GLU A 2 -14.67 -10.87 1.42
CA GLU A 2 -13.48 -11.60 1.84
C GLU A 2 -12.42 -10.64 2.39
N LYS A 3 -12.30 -9.48 1.76
CA LYS A 3 -11.34 -8.47 2.18
C LYS A 3 -9.91 -9.01 2.07
N PRO A 4 -9.40 -9.10 0.84
CA PRO A 4 -8.05 -9.59 0.57
C PRO A 4 -6.98 -8.62 1.04
N GLN A 5 -6.78 -8.55 2.36
CA GLN A 5 -5.78 -7.67 2.94
C GLN A 5 -4.38 -8.15 2.61
N GLN A 6 -4.26 -9.42 2.23
CA GLN A 6 -2.96 -9.99 1.90
C GLN A 6 -2.27 -9.18 0.81
N GLU A 7 -3.07 -8.50 -0.02
CA GLU A 7 -2.52 -7.68 -1.09
C GLU A 7 -1.87 -6.42 -0.54
N LEU A 8 -2.46 -5.86 0.50
CA LEU A 8 -1.94 -4.65 1.13
C LEU A 8 -0.49 -4.86 1.59
N GLU A 9 -0.25 -5.95 2.28
CA GLU A 9 1.09 -6.28 2.77
C GLU A 9 2.11 -6.20 1.65
N GLU A 10 1.73 -6.69 0.47
CA GLU A 10 2.62 -6.69 -0.69
C GLU A 10 2.89 -5.26 -1.15
N CYS A 11 1.84 -4.44 -1.17
CA CYS A 11 1.97 -3.05 -1.59
C CYS A 11 2.94 -2.29 -0.68
N GLN A 12 2.68 -2.33 0.61
CA GLN A 12 3.52 -1.64 1.59
C GLN A 12 4.93 -2.22 1.58
N ASN A 13 5.02 -3.54 1.52
CA ASN A 13 6.32 -4.22 1.50
C ASN A 13 7.22 -3.66 0.40
N VAL A 14 6.63 -3.44 -0.77
CA VAL A 14 7.38 -2.90 -1.90
C VAL A 14 7.74 -1.42 -1.68
N CYS A 15 6.82 -0.69 -1.03
CA CYS A 15 7.04 0.72 -0.76
C CYS A 15 8.30 0.93 0.08
N ARG A 16 8.48 0.07 1.08
CA ARG A 16 9.64 0.15 1.96
C ARG A 16 10.92 -0.21 1.21
N MET A 17 10.76 -0.77 0.02
CA MET A 17 11.91 -1.16 -0.79
C MET A 17 12.31 -0.03 -1.75
N LYS A 18 11.58 1.08 -1.68
CA LYS A 18 11.86 2.23 -2.54
C LYS A 18 13.09 2.98 -2.04
N ARG A 19 14.09 3.10 -2.91
CA ARG A 19 15.32 3.79 -2.57
C ARG A 19 15.23 5.27 -2.94
N TRP A 20 14.12 5.90 -2.57
CA TRP A 20 13.91 7.31 -2.85
C TRP A 20 14.08 8.15 -1.60
N SER A 21 13.22 7.94 -0.62
CA SER A 21 13.27 8.69 0.64
C SER A 21 12.20 8.21 1.61
N THR A 22 12.47 8.35 2.90
CA THR A 22 11.53 7.93 3.93
C THR A 22 10.14 8.50 3.68
N GLU A 23 10.10 9.77 3.26
CA GLU A 23 8.83 10.43 2.98
C GLU A 23 8.02 9.66 1.94
N MET A 24 8.71 9.21 0.88
CA MET A 24 8.06 8.46 -0.18
C MET A 24 7.53 7.13 0.34
N VAL A 25 8.30 6.49 1.22
CA VAL A 25 7.91 5.20 1.78
C VAL A 25 6.66 5.35 2.65
N HIS A 26 6.69 6.32 3.56
CA HIS A 26 5.56 6.56 4.45
C HIS A 26 4.32 6.96 3.65
N ARG A 27 4.51 7.86 2.69
CA ARG A 27 3.41 8.33 1.85
C ARG A 27 2.86 7.20 0.99
N CYS A 28 3.75 6.36 0.50
CA CYS A 28 3.34 5.23 -0.35
C CYS A 28 2.44 4.28 0.42
N GLU A 29 2.90 3.85 1.59
CA GLU A 29 2.13 2.92 2.42
C GLU A 29 0.75 3.49 2.73
N LYS A 30 0.72 4.73 3.20
CA LYS A 30 -0.53 5.40 3.53
C LYS A 30 -1.49 5.39 2.34
N LYS A 31 -0.94 5.52 1.15
CA LYS A 31 -1.74 5.52 -0.07
C LYS A 31 -2.33 4.14 -0.34
N CYS A 32 -1.48 3.13 -0.36
CA CYS A 32 -1.91 1.76 -0.60
C CYS A 32 -3.02 1.36 0.38
N GLU A 33 -3.01 1.98 1.57
CA GLU A 33 -4.00 1.70 2.59
C GLU A 33 -5.35 2.30 2.22
N GLU A 34 -5.34 3.60 1.96
CA GLU A 34 -6.57 4.30 1.60
C GLU A 34 -7.14 3.78 0.28
N LYS A 35 -6.26 3.52 -0.67
CA LYS A 35 -6.66 3.00 -1.98
C LYS A 35 -7.22 1.59 -1.85
N PHE A 36 -6.96 0.95 -0.71
CA PHE A 36 -7.44 -0.40 -0.47
C PHE A 36 -8.93 -0.40 -0.14
N GLU A 37 -9.33 0.50 0.75
CA GLU A 37 -10.74 0.60 1.14
C GLU A 37 -11.62 0.97 -0.04
N ARG A 38 -11.01 1.57 -1.06
CA ARG A 38 -11.74 1.97 -2.26
C ARG A 38 -12.00 0.77 -3.17
N GLN A 39 -13.22 0.66 -3.67
CA GLN A 39 -13.59 -0.44 -4.55
C GLN A 39 -14.43 0.06 -5.71
N GLN A 40 -14.61 -0.80 -6.72
CA GLN A 40 -15.39 -0.44 -7.90
C GLN A 40 -15.91 -1.68 -8.60
N ARG A 41 -16.87 -1.50 -9.50
CA ARG A 41 -17.45 -2.61 -10.24
C ARG A 41 -17.91 -2.16 -11.62
N SER A 1 -15.79 -16.53 4.81
CA SER A 1 -14.76 -15.58 5.20
C SER A 1 -14.09 -14.96 3.97
N GLU A 2 -13.42 -13.83 4.18
CA GLU A 2 -12.74 -13.15 3.08
C GLU A 2 -11.58 -12.30 3.61
N LYS A 3 -10.67 -11.93 2.72
CA LYS A 3 -9.52 -11.12 3.10
C LYS A 3 -8.99 -10.33 1.90
N PRO A 4 -9.72 -9.27 1.52
CA PRO A 4 -9.35 -8.42 0.38
C PRO A 4 -8.10 -7.58 0.68
N GLN A 5 -7.67 -7.60 1.92
CA GLN A 5 -6.49 -6.84 2.34
C GLN A 5 -5.22 -7.50 1.81
N GLN A 6 -5.35 -8.69 1.25
CA GLN A 6 -4.22 -9.42 0.70
C GLN A 6 -3.47 -8.57 -0.32
N GLU A 7 -4.20 -7.72 -1.02
CA GLU A 7 -3.60 -6.85 -2.04
C GLU A 7 -2.84 -5.71 -1.38
N LEU A 8 -3.35 -5.21 -0.26
CA LEU A 8 -2.71 -4.12 0.46
C LEU A 8 -1.28 -4.49 0.85
N GLU A 9 -1.11 -5.67 1.43
CA GLU A 9 0.22 -6.13 1.83
C GLU A 9 1.21 -6.02 0.68
N GLU A 10 0.73 -6.26 -0.53
CA GLU A 10 1.58 -6.18 -1.72
C GLU A 10 1.94 -4.74 -2.04
N CYS A 11 0.96 -3.84 -1.92
CA CYS A 11 1.17 -2.43 -2.20
C CYS A 11 2.20 -1.83 -1.25
N GLN A 12 1.98 -2.04 0.04
CA GLN A 12 2.89 -1.52 1.06
C GLN A 12 4.29 -2.13 0.90
N ASN A 13 4.33 -3.44 0.67
CA ASN A 13 5.59 -4.15 0.50
C ASN A 13 6.43 -3.51 -0.60
N VAL A 14 5.77 -3.11 -1.68
CA VAL A 14 6.44 -2.48 -2.81
C VAL A 14 6.97 -1.10 -2.43
N CYS A 15 6.17 -0.35 -1.67
CA CYS A 15 6.55 0.99 -1.26
C CYS A 15 7.85 0.96 -0.46
N ARG A 16 7.94 0.02 0.48
CA ARG A 16 9.13 -0.11 1.32
C ARG A 16 10.35 -0.51 0.48
N MET A 17 10.08 -1.08 -0.69
CA MET A 17 11.16 -1.50 -1.60
C MET A 17 11.60 -0.35 -2.49
N LYS A 18 10.99 0.82 -2.29
CA LYS A 18 11.32 2.00 -3.08
C LYS A 18 12.65 2.59 -2.64
N ARG A 19 13.40 3.15 -3.60
CA ARG A 19 14.69 3.75 -3.30
C ARG A 19 14.56 5.25 -3.09
N TRP A 20 13.41 5.67 -2.58
CA TRP A 20 13.16 7.09 -2.33
C TRP A 20 13.22 7.39 -0.84
N SER A 21 13.10 8.67 -0.49
CA SER A 21 13.13 9.09 0.90
C SER A 21 11.97 8.50 1.68
N THR A 22 12.10 8.48 3.01
CA THR A 22 11.06 7.94 3.87
C THR A 22 9.70 8.56 3.55
N GLU A 23 9.73 9.81 3.09
CA GLU A 23 8.50 10.52 2.75
C GLU A 23 7.73 9.78 1.66
N MET A 24 8.44 9.36 0.61
CA MET A 24 7.82 8.64 -0.49
C MET A 24 7.28 7.29 -0.02
N VAL A 25 8.09 6.57 0.74
CA VAL A 25 7.69 5.26 1.25
C VAL A 25 6.44 5.36 2.12
N HIS A 26 6.48 6.28 3.08
CA HIS A 26 5.34 6.48 3.98
C HIS A 26 4.09 6.89 3.19
N ARG A 27 4.21 7.94 2.39
CA ARG A 27 3.10 8.42 1.59
C ARG A 27 2.54 7.31 0.71
N CYS A 28 3.43 6.58 0.06
CA CYS A 28 3.02 5.47 -0.81
C CYS A 28 2.10 4.51 -0.08
N GLU A 29 2.49 4.16 1.15
CA GLU A 29 1.70 3.23 1.95
C GLU A 29 0.34 3.84 2.30
N LYS A 30 0.33 5.14 2.57
CA LYS A 30 -0.90 5.84 2.92
C LYS A 30 -1.92 5.75 1.80
N LYS A 31 -1.55 6.26 0.62
CA LYS A 31 -2.44 6.23 -0.54
C LYS A 31 -2.95 4.82 -0.80
N CYS A 32 -2.05 3.84 -0.68
CA CYS A 32 -2.41 2.45 -0.90
C CYS A 32 -3.56 2.03 0.02
N GLU A 33 -3.49 2.46 1.27
CA GLU A 33 -4.53 2.14 2.25
C GLU A 33 -5.79 2.95 2.00
N GLU A 34 -5.62 4.26 1.78
CA GLU A 34 -6.74 5.14 1.54
C GLU A 34 -7.55 4.67 0.33
N LYS A 35 -6.87 4.46 -0.79
CA LYS A 35 -7.52 4.00 -2.00
C LYS A 35 -8.11 2.60 -1.83
N PHE A 36 -7.69 1.93 -0.76
CA PHE A 36 -8.18 0.58 -0.47
C PHE A 36 -9.60 0.63 0.09
N GLU A 37 -9.98 1.78 0.63
CA GLU A 37 -11.31 1.96 1.20
C GLU A 37 -12.39 1.67 0.17
N ARG A 38 -12.03 1.80 -1.11
CA ARG A 38 -12.96 1.56 -2.20
C ARG A 38 -12.25 0.95 -3.40
N GLN A 39 -12.59 -0.30 -3.70
CA GLN A 39 -11.98 -1.00 -4.83
C GLN A 39 -12.94 -2.03 -5.41
N GLN A 40 -12.78 -2.32 -6.70
CA GLN A 40 -13.63 -3.29 -7.38
C GLN A 40 -12.99 -4.66 -7.40
N ARG A 41 -11.66 -4.69 -7.43
CA ARG A 41 -10.91 -5.95 -7.45
C ARG A 41 -10.79 -6.53 -6.05
N SER A 1 -11.84 -15.29 7.01
CA SER A 1 -10.44 -14.96 7.30
C SER A 1 -9.83 -14.16 6.15
N GLU A 2 -9.91 -14.71 4.94
CA GLU A 2 -9.36 -14.05 3.77
C GLU A 2 -10.08 -12.73 3.50
N LYS A 3 -9.41 -11.83 2.79
CA LYS A 3 -9.99 -10.53 2.46
C LYS A 3 -9.29 -9.91 1.26
N PRO A 4 -9.95 -8.94 0.62
CA PRO A 4 -9.41 -8.26 -0.56
C PRO A 4 -8.24 -7.35 -0.21
N GLN A 5 -8.03 -7.13 1.08
CA GLN A 5 -6.94 -6.28 1.55
C GLN A 5 -5.60 -7.00 1.43
N GLN A 6 -5.65 -8.28 1.07
CA GLN A 6 -4.44 -9.08 0.92
C GLN A 6 -3.48 -8.42 -0.07
N GLU A 7 -4.02 -7.74 -1.06
CA GLU A 7 -3.21 -7.07 -2.07
C GLU A 7 -2.53 -5.84 -1.48
N LEU A 8 -3.23 -5.16 -0.57
CA LEU A 8 -2.70 -3.96 0.06
C LEU A 8 -1.33 -4.23 0.69
N GLU A 9 -1.23 -5.33 1.44
CA GLU A 9 0.01 -5.71 2.08
C GLU A 9 1.17 -5.73 1.07
N GLU A 10 0.86 -6.19 -0.14
CA GLU A 10 1.86 -6.28 -1.20
C GLU A 10 2.27 -4.89 -1.67
N CYS A 11 1.28 -4.00 -1.77
CA CYS A 11 1.53 -2.63 -2.23
C CYS A 11 2.45 -1.90 -1.24
N GLN A 12 2.06 -1.89 0.03
CA GLN A 12 2.85 -1.23 1.06
C GLN A 12 4.21 -1.90 1.22
N ASN A 13 4.22 -3.23 1.19
CA ASN A 13 5.45 -4.00 1.33
C ASN A 13 6.49 -3.56 0.30
N VAL A 14 6.06 -3.43 -0.95
CA VAL A 14 6.95 -3.01 -2.03
C VAL A 14 7.45 -1.59 -1.81
N CYS A 15 6.54 -0.70 -1.39
CA CYS A 15 6.88 0.69 -1.14
C CYS A 15 8.06 0.79 -0.16
N ARG A 16 8.00 0.01 0.91
CA ARG A 16 9.05 0.02 1.92
C ARG A 16 10.37 -0.48 1.33
N MET A 17 10.28 -1.20 0.21
CA MET A 17 11.47 -1.73 -0.44
C MET A 17 12.04 -0.73 -1.45
N LYS A 18 11.42 0.45 -1.50
CA LYS A 18 11.87 1.50 -2.41
C LYS A 18 13.15 2.16 -1.90
N ARG A 19 13.97 2.65 -2.84
CA ARG A 19 15.22 3.29 -2.48
C ARG A 19 15.05 4.81 -2.42
N TRP A 20 13.86 5.25 -2.03
CA TRP A 20 13.56 6.68 -1.92
C TRP A 20 13.54 7.13 -0.47
N SER A 21 13.53 8.44 -0.26
CA SER A 21 13.52 9.00 1.09
C SER A 21 12.31 8.49 1.87
N THR A 22 12.41 8.55 3.19
CA THR A 22 11.33 8.09 4.06
C THR A 22 10.00 8.73 3.66
N GLU A 23 10.04 10.02 3.34
CA GLU A 23 8.85 10.75 2.95
C GLU A 23 8.13 10.05 1.80
N MET A 24 8.91 9.63 0.80
CA MET A 24 8.36 8.94 -0.37
C MET A 24 7.75 7.61 0.03
N VAL A 25 8.46 6.88 0.89
CA VAL A 25 7.99 5.57 1.35
C VAL A 25 6.65 5.69 2.06
N HIS A 26 6.57 6.65 2.98
CA HIS A 26 5.34 6.86 3.75
C HIS A 26 4.19 7.25 2.82
N ARG A 27 4.47 8.15 1.89
CA ARG A 27 3.45 8.61 0.94
C ARG A 27 2.96 7.46 0.08
N CYS A 28 3.88 6.61 -0.35
CA CYS A 28 3.54 5.46 -1.18
C CYS A 28 2.60 4.51 -0.44
N GLU A 29 3.00 4.09 0.75
CA GLU A 29 2.19 3.19 1.56
C GLU A 29 0.77 3.72 1.70
N LYS A 30 0.65 4.95 2.18
CA LYS A 30 -0.66 5.57 2.36
C LYS A 30 -1.44 5.59 1.05
N LYS A 31 -0.80 6.05 -0.01
CA LYS A 31 -1.43 6.12 -1.33
C LYS A 31 -2.06 4.78 -1.70
N CYS A 32 -1.36 3.69 -1.38
CA CYS A 32 -1.86 2.36 -1.68
C CYS A 32 -3.11 2.04 -0.87
N GLU A 33 -3.08 2.36 0.42
CA GLU A 33 -4.21 2.12 1.30
C GLU A 33 -5.39 3.02 0.92
N GLU A 34 -5.09 4.19 0.38
CA GLU A 34 -6.12 5.13 -0.03
C GLU A 34 -6.80 4.68 -1.31
N LYS A 35 -5.99 4.36 -2.32
CA LYS A 35 -6.52 3.92 -3.61
C LYS A 35 -7.23 2.58 -3.47
N PHE A 36 -7.01 1.91 -2.34
CA PHE A 36 -7.64 0.62 -2.09
C PHE A 36 -9.11 0.79 -1.74
N GLU A 37 -9.44 1.93 -1.13
CA GLU A 37 -10.81 2.22 -0.74
C GLU A 37 -11.73 2.27 -1.96
N ARG A 38 -11.14 2.52 -3.12
CA ARG A 38 -11.90 2.61 -4.36
C ARG A 38 -12.10 1.22 -4.97
N GLN A 39 -13.30 0.97 -5.48
CA GLN A 39 -13.61 -0.32 -6.09
C GLN A 39 -13.40 -1.46 -5.10
N GLN A 40 -13.71 -1.21 -3.84
CA GLN A 40 -13.56 -2.20 -2.79
C GLN A 40 -14.65 -3.26 -2.88
N ARG A 41 -14.49 -4.34 -2.12
CA ARG A 41 -15.47 -5.43 -2.12
C ARG A 41 -16.55 -5.18 -1.07
N SER A 1 -2.60 -13.61 0.55
CA SER A 1 -2.77 -14.92 1.17
C SER A 1 -4.23 -15.17 1.55
N GLU A 2 -4.75 -14.32 2.42
CA GLU A 2 -6.14 -14.44 2.86
C GLU A 2 -6.79 -13.06 3.00
N LYS A 3 -8.12 -13.04 3.01
CA LYS A 3 -8.86 -11.79 3.15
C LYS A 3 -8.56 -10.85 1.99
N PRO A 4 -9.45 -9.88 1.76
CA PRO A 4 -9.30 -8.90 0.69
C PRO A 4 -8.16 -7.91 0.96
N GLN A 5 -7.62 -7.97 2.17
CA GLN A 5 -6.53 -7.08 2.56
C GLN A 5 -5.18 -7.67 2.15
N GLN A 6 -5.22 -8.80 1.44
CA GLN A 6 -4.01 -9.46 1.00
C GLN A 6 -3.21 -8.57 0.06
N GLU A 7 -3.93 -7.78 -0.74
CA GLU A 7 -3.29 -6.87 -1.70
C GLU A 7 -2.68 -5.67 -0.98
N LEU A 8 -3.20 -5.36 0.20
CA LEU A 8 -2.71 -4.24 0.98
C LEU A 8 -1.33 -4.55 1.58
N GLU A 9 -1.21 -5.72 2.20
CA GLU A 9 0.04 -6.14 2.80
C GLU A 9 1.19 -6.01 1.80
N GLU A 10 1.01 -6.60 0.62
CA GLU A 10 2.04 -6.56 -0.42
C GLU A 10 2.31 -5.13 -0.84
N CYS A 11 1.26 -4.36 -1.05
CA CYS A 11 1.38 -2.97 -1.47
C CYS A 11 2.30 -2.20 -0.52
N GLN A 12 2.04 -2.32 0.78
CA GLN A 12 2.84 -1.65 1.79
C GLN A 12 4.29 -2.15 1.76
N ASN A 13 4.46 -3.46 1.86
CA ASN A 13 5.79 -4.05 1.85
C ASN A 13 6.61 -3.53 0.68
N VAL A 14 5.97 -3.38 -0.47
CA VAL A 14 6.64 -2.88 -1.67
C VAL A 14 7.08 -1.44 -1.49
N CYS A 15 6.20 -0.62 -0.90
CA CYS A 15 6.49 0.78 -0.68
C CYS A 15 7.73 0.94 0.20
N ARG A 16 7.87 0.07 1.19
CA ARG A 16 9.00 0.12 2.10
C ARG A 16 10.27 -0.41 1.42
N MET A 17 10.08 -1.16 0.34
CA MET A 17 11.21 -1.73 -0.40
C MET A 17 11.55 -0.86 -1.60
N LYS A 18 11.06 0.38 -1.60
CA LYS A 18 11.32 1.31 -2.69
C LYS A 18 12.73 1.88 -2.59
N ARG A 19 13.25 1.97 -1.37
CA ARG A 19 14.59 2.50 -1.14
C ARG A 19 14.76 3.86 -1.82
N TRP A 20 13.68 4.62 -1.85
CA TRP A 20 13.71 5.95 -2.47
C TRP A 20 13.91 7.04 -1.42
N SER A 21 12.98 7.13 -0.48
CA SER A 21 13.06 8.12 0.58
C SER A 21 11.92 7.94 1.58
N THR A 22 12.17 8.34 2.83
CA THR A 22 11.18 8.22 3.88
C THR A 22 9.87 8.90 3.49
N GLU A 23 9.99 10.05 2.82
CA GLU A 23 8.81 10.80 2.39
C GLU A 23 8.02 10.01 1.35
N MET A 24 8.73 9.48 0.35
CA MET A 24 8.08 8.71 -0.70
C MET A 24 7.48 7.42 -0.14
N VAL A 25 8.24 6.73 0.68
CA VAL A 25 7.77 5.49 1.29
C VAL A 25 6.50 5.71 2.09
N HIS A 26 6.51 6.73 2.95
CA HIS A 26 5.35 7.05 3.78
C HIS A 26 4.15 7.41 2.91
N ARG A 27 4.38 8.21 1.88
CA ARG A 27 3.31 8.62 0.98
C ARG A 27 2.73 7.42 0.24
N CYS A 28 3.61 6.53 -0.22
CA CYS A 28 3.19 5.34 -0.95
C CYS A 28 2.30 4.46 -0.08
N GLU A 29 2.78 4.14 1.12
CA GLU A 29 2.02 3.30 2.04
C GLU A 29 0.62 3.86 2.25
N LYS A 30 0.54 5.12 2.67
CA LYS A 30 -0.74 5.77 2.90
C LYS A 30 -1.63 5.69 1.66
N LYS A 31 -1.01 5.76 0.49
CA LYS A 31 -1.75 5.69 -0.77
C LYS A 31 -2.34 4.30 -0.98
N CYS A 32 -1.56 3.27 -0.64
CA CYS A 32 -2.00 1.89 -0.79
C CYS A 32 -3.21 1.61 0.10
N GLU A 33 -3.18 2.14 1.32
CA GLU A 33 -4.26 1.94 2.26
C GLU A 33 -5.46 2.81 1.89
N GLU A 34 -5.20 3.98 1.33
CA GLU A 34 -6.26 4.90 0.94
C GLU A 34 -7.00 4.38 -0.29
N LYS A 35 -6.24 4.01 -1.33
CA LYS A 35 -6.82 3.50 -2.56
C LYS A 35 -7.53 2.17 -2.31
N PHE A 36 -7.25 1.56 -1.16
CA PHE A 36 -7.86 0.29 -0.80
C PHE A 36 -9.32 0.47 -0.39
N GLU A 37 -9.66 1.69 0.02
CA GLU A 37 -11.02 2.00 0.44
C GLU A 37 -12.02 1.70 -0.68
N ARG A 38 -11.54 1.69 -1.91
CA ARG A 38 -12.38 1.41 -3.07
C ARG A 38 -12.84 -0.04 -3.06
N GLN A 39 -14.13 -0.25 -2.80
CA GLN A 39 -14.70 -1.58 -2.76
C GLN A 39 -14.65 -2.23 -4.14
N GLN A 40 -15.08 -1.48 -5.15
CA GLN A 40 -15.08 -1.98 -6.52
C GLN A 40 -14.79 -0.86 -7.51
N ARG A 41 -14.16 -1.21 -8.63
CA ARG A 41 -13.82 -0.23 -9.66
C ARG A 41 -15.00 0.00 -10.61
N SER A 1 -8.62 -17.87 9.07
CA SER A 1 -9.17 -16.62 8.54
C SER A 1 -8.29 -16.07 7.43
N GLU A 2 -8.86 -15.90 6.25
CA GLU A 2 -8.13 -15.38 5.09
C GLU A 2 -8.86 -14.19 4.49
N LYS A 3 -8.12 -13.37 3.76
CA LYS A 3 -8.69 -12.18 3.11
C LYS A 3 -7.78 -11.68 1.98
N PRO A 4 -8.34 -10.89 1.07
CA PRO A 4 -7.60 -10.33 -0.06
C PRO A 4 -6.59 -9.27 0.37
N GLN A 5 -6.70 -8.83 1.62
CA GLN A 5 -5.80 -7.82 2.16
C GLN A 5 -4.37 -8.36 2.23
N GLN A 6 -4.24 -9.69 2.13
CA GLN A 6 -2.93 -10.33 2.19
C GLN A 6 -1.98 -9.73 1.16
N GLU A 7 -2.53 -9.28 0.04
CA GLU A 7 -1.73 -8.69 -1.02
C GLU A 7 -1.25 -7.29 -0.63
N LEU A 8 -2.09 -6.57 0.10
CA LEU A 8 -1.75 -5.21 0.53
C LEU A 8 -0.47 -5.23 1.36
N GLU A 9 -0.40 -6.14 2.32
CA GLU A 9 0.79 -6.25 3.18
C GLU A 9 2.06 -6.34 2.34
N GLU A 10 1.96 -7.00 1.19
CA GLU A 10 3.10 -7.17 0.31
C GLU A 10 3.46 -5.85 -0.38
N CYS A 11 2.43 -5.15 -0.86
CA CYS A 11 2.62 -3.87 -1.53
C CYS A 11 3.25 -2.85 -0.59
N GLN A 12 2.68 -2.71 0.60
CA GLN A 12 3.18 -1.77 1.59
C GLN A 12 4.58 -2.17 2.06
N ASN A 13 4.76 -3.46 2.31
CA ASN A 13 6.05 -3.97 2.78
C ASN A 13 7.16 -3.58 1.82
N VAL A 14 6.86 -3.62 0.52
CA VAL A 14 7.84 -3.27 -0.50
C VAL A 14 8.11 -1.77 -0.51
N CYS A 15 7.05 -0.98 -0.34
CA CYS A 15 7.18 0.47 -0.33
C CYS A 15 8.13 0.93 0.75
N ARG A 16 8.03 0.31 1.93
CA ARG A 16 8.90 0.66 3.05
C ARG A 16 10.35 0.32 2.75
N MET A 17 10.55 -0.57 1.78
CA MET A 17 11.89 -0.98 1.39
C MET A 17 12.47 -0.02 0.35
N LYS A 18 11.71 1.01 0.01
CA LYS A 18 12.15 1.99 -0.97
C LYS A 18 13.19 2.93 -0.37
N ARG A 19 14.39 2.91 -0.93
CA ARG A 19 15.49 3.76 -0.45
C ARG A 19 15.50 5.09 -1.19
N TRP A 20 14.33 5.71 -1.31
CA TRP A 20 14.21 6.99 -2.00
C TRP A 20 14.02 8.13 -0.99
N SER A 21 12.91 8.08 -0.26
CA SER A 21 12.61 9.10 0.73
C SER A 21 11.33 8.77 1.48
N THR A 22 11.23 9.26 2.72
CA THR A 22 10.06 9.02 3.54
C THR A 22 8.77 9.38 2.81
N GLU A 23 8.81 10.50 2.09
CA GLU A 23 7.64 10.95 1.33
C GLU A 23 7.23 9.91 0.29
N MET A 24 8.21 9.36 -0.41
CA MET A 24 7.95 8.35 -1.43
C MET A 24 7.38 7.08 -0.80
N VAL A 25 7.83 6.76 0.40
CA VAL A 25 7.36 5.58 1.10
C VAL A 25 5.90 5.73 1.52
N HIS A 26 5.57 6.87 2.12
CA HIS A 26 4.21 7.14 2.56
C HIS A 26 3.25 7.18 1.37
N ARG A 27 3.59 8.01 0.39
CA ARG A 27 2.75 8.14 -0.80
C ARG A 27 2.51 6.78 -1.46
N CYS A 28 3.53 5.94 -1.45
CA CYS A 28 3.44 4.61 -2.04
C CYS A 28 2.39 3.77 -1.32
N GLU A 29 2.54 3.65 -0.01
CA GLU A 29 1.60 2.87 0.80
C GLU A 29 0.17 3.37 0.61
N LYS A 30 -0.02 4.68 0.74
CA LYS A 30 -1.33 5.28 0.57
C LYS A 30 -1.94 4.90 -0.78
N LYS A 31 -1.09 4.80 -1.79
CA LYS A 31 -1.55 4.45 -3.13
C LYS A 31 -2.01 2.99 -3.18
N CYS A 32 -1.17 2.08 -2.73
CA CYS A 32 -1.50 0.66 -2.72
C CYS A 32 -2.80 0.41 -1.96
N GLU A 33 -3.10 1.29 -1.01
CA GLU A 33 -4.31 1.17 -0.22
C GLU A 33 -5.54 1.56 -1.03
N GLU A 34 -5.50 2.74 -1.63
CA GLU A 34 -6.62 3.22 -2.45
C GLU A 34 -6.81 2.35 -3.68
N LYS A 35 -5.70 1.94 -4.29
CA LYS A 35 -5.76 1.10 -5.48
C LYS A 35 -6.28 -0.29 -5.14
N PHE A 36 -6.30 -0.62 -3.85
CA PHE A 36 -6.80 -1.91 -3.40
C PHE A 36 -8.32 -1.97 -3.46
N GLU A 37 -8.96 -1.12 -2.66
CA GLU A 37 -10.43 -1.08 -2.62
C GLU A 37 -10.92 0.30 -2.18
N ARG A 38 -12.22 0.53 -2.33
CA ARG A 38 -12.81 1.81 -1.93
C ARG A 38 -14.28 1.62 -1.55
N GLN A 39 -14.72 2.38 -0.56
CA GLN A 39 -16.10 2.31 -0.09
C GLN A 39 -17.06 2.86 -1.15
N GLN A 40 -16.99 4.17 -1.37
CA GLN A 40 -17.85 4.83 -2.34
C GLN A 40 -17.14 6.01 -2.99
N ARG A 41 -17.53 6.34 -4.22
CA ARG A 41 -16.93 7.45 -4.94
C ARG A 41 -17.65 8.76 -4.63
N SER A 1 -11.02 -13.28 -2.43
CA SER A 1 -12.18 -12.86 -1.66
C SER A 1 -11.88 -12.88 -0.16
N GLU A 2 -11.24 -13.95 0.28
CA GLU A 2 -10.90 -14.10 1.69
C GLU A 2 -9.71 -13.22 2.06
N LYS A 3 -9.91 -12.33 3.02
CA LYS A 3 -8.86 -11.43 3.47
C LYS A 3 -8.24 -10.69 2.28
N PRO A 4 -8.97 -9.70 1.75
CA PRO A 4 -8.51 -8.90 0.62
C PRO A 4 -7.35 -7.98 0.98
N GLN A 5 -7.17 -7.76 2.29
CA GLN A 5 -6.09 -6.90 2.77
C GLN A 5 -4.74 -7.57 2.59
N GLN A 6 -4.75 -8.87 2.27
CA GLN A 6 -3.52 -9.62 2.07
C GLN A 6 -2.64 -8.95 1.01
N GLU A 7 -3.29 -8.30 0.05
CA GLU A 7 -2.57 -7.63 -1.02
C GLU A 7 -1.90 -6.35 -0.51
N LEU A 8 -2.57 -5.67 0.41
CA LEU A 8 -2.04 -4.43 0.97
C LEU A 8 -0.67 -4.67 1.61
N GLU A 9 -0.58 -5.70 2.43
CA GLU A 9 0.67 -6.04 3.10
C GLU A 9 1.82 -6.14 2.09
N GLU A 10 1.49 -6.58 0.87
CA GLU A 10 2.49 -6.72 -0.18
C GLU A 10 2.89 -5.36 -0.73
N CYS A 11 1.90 -4.50 -0.93
CA CYS A 11 2.15 -3.16 -1.47
C CYS A 11 3.01 -2.35 -0.51
N GLN A 12 2.61 -2.33 0.76
CA GLN A 12 3.34 -1.59 1.78
C GLN A 12 4.73 -2.18 2.00
N ASN A 13 4.80 -3.51 2.06
CA ASN A 13 6.06 -4.20 2.26
C ASN A 13 7.09 -3.79 1.22
N VAL A 14 6.64 -3.66 -0.04
CA VAL A 14 7.51 -3.27 -1.12
C VAL A 14 7.94 -1.82 -0.99
N CYS A 15 7.00 -0.97 -0.60
CA CYS A 15 7.28 0.46 -0.43
C CYS A 15 8.42 0.68 0.56
N ARG A 16 8.40 -0.08 1.66
CA ARG A 16 9.44 0.03 2.68
C ARG A 16 10.80 -0.40 2.13
N MET A 17 10.77 -1.15 1.02
CA MET A 17 11.99 -1.62 0.40
C MET A 17 12.49 -0.63 -0.66
N LYS A 18 11.87 0.53 -0.71
CA LYS A 18 12.24 1.56 -1.68
C LYS A 18 13.46 2.33 -1.19
N ARG A 19 14.53 2.31 -1.98
CA ARG A 19 15.75 3.01 -1.64
C ARG A 19 15.75 4.43 -2.22
N TRP A 20 14.63 5.13 -2.07
CA TRP A 20 14.50 6.48 -2.58
C TRP A 20 14.64 7.50 -1.45
N SER A 21 13.72 7.44 -0.50
CA SER A 21 13.73 8.36 0.63
C SER A 21 12.61 8.03 1.62
N THR A 22 12.87 8.27 2.90
CA THR A 22 11.89 7.99 3.94
C THR A 22 10.55 8.62 3.62
N GLU A 23 10.58 9.82 3.03
CA GLU A 23 9.37 10.54 2.67
C GLU A 23 8.58 9.76 1.62
N MET A 24 9.28 9.24 0.62
CA MET A 24 8.64 8.47 -0.44
C MET A 24 8.04 7.19 0.10
N VAL A 25 8.70 6.60 1.10
CA VAL A 25 8.22 5.36 1.70
C VAL A 25 6.86 5.57 2.37
N HIS A 26 6.78 6.57 3.24
CA HIS A 26 5.53 6.87 3.93
C HIS A 26 4.42 7.19 2.95
N ARG A 27 4.71 8.08 2.00
CA ARG A 27 3.73 8.48 0.99
C ARG A 27 3.26 7.27 0.19
N CYS A 28 4.18 6.37 -0.11
CA CYS A 28 3.86 5.17 -0.87
C CYS A 28 2.83 4.31 -0.13
N GLU A 29 3.12 4.00 1.13
CA GLU A 29 2.22 3.19 1.94
C GLU A 29 0.84 3.82 2.02
N LYS A 30 0.80 5.10 2.37
CA LYS A 30 -0.46 5.83 2.47
C LYS A 30 -1.27 5.72 1.18
N LYS A 31 -0.57 5.70 0.05
CA LYS A 31 -1.21 5.60 -1.25
C LYS A 31 -1.84 4.23 -1.44
N CYS A 32 -1.04 3.18 -1.21
CA CYS A 32 -1.53 1.81 -1.36
C CYS A 32 -2.73 1.55 -0.45
N GLU A 33 -2.81 2.32 0.63
CA GLU A 33 -3.91 2.18 1.58
C GLU A 33 -5.20 2.79 1.02
N GLU A 34 -5.09 4.02 0.54
CA GLU A 34 -6.24 4.72 -0.03
C GLU A 34 -6.70 4.06 -1.33
N LYS A 35 -5.73 3.64 -2.14
CA LYS A 35 -6.03 3.00 -3.42
C LYS A 35 -6.67 1.63 -3.20
N PHE A 36 -6.55 1.12 -1.98
CA PHE A 36 -7.11 -0.18 -1.64
C PHE A 36 -8.63 -0.10 -1.49
N GLU A 37 -9.11 1.10 -1.12
CA GLU A 37 -10.53 1.31 -0.93
C GLU A 37 -11.29 1.18 -2.25
N ARG A 38 -12.01 0.07 -2.41
CA ARG A 38 -12.77 -0.18 -3.63
C ARG A 38 -14.05 0.66 -3.65
N GLN A 39 -14.26 1.37 -4.76
CA GLN A 39 -15.44 2.20 -4.90
C GLN A 39 -16.57 1.44 -5.59
N GLN A 40 -17.78 1.55 -5.03
CA GLN A 40 -18.94 0.87 -5.58
C GLN A 40 -19.47 1.60 -6.82
N ARG A 41 -20.14 0.86 -7.69
CA ARG A 41 -20.70 1.44 -8.90
C ARG A 41 -19.58 1.97 -9.80
N SER A 1 -10.21 -18.24 5.14
CA SER A 1 -8.98 -17.96 5.86
C SER A 1 -8.28 -16.72 5.29
N GLU A 2 -7.93 -16.78 4.01
CA GLU A 2 -7.27 -15.67 3.35
C GLU A 2 -8.24 -14.53 3.08
N LYS A 3 -8.06 -13.42 3.80
CA LYS A 3 -8.93 -12.26 3.65
C LYS A 3 -8.54 -11.46 2.41
N PRO A 4 -9.47 -10.61 1.94
CA PRO A 4 -9.24 -9.77 0.76
C PRO A 4 -8.23 -8.66 1.04
N GLN A 5 -7.95 -8.43 2.31
CA GLN A 5 -7.00 -7.38 2.70
C GLN A 5 -5.61 -7.97 2.90
N GLN A 6 -5.35 -9.11 2.27
CA GLN A 6 -4.06 -9.77 2.38
C GLN A 6 -3.07 -9.21 1.38
N GLU A 7 -3.59 -8.71 0.25
CA GLU A 7 -2.75 -8.14 -0.79
C GLU A 7 -2.15 -6.82 -0.35
N LEU A 8 -2.93 -6.06 0.42
CA LEU A 8 -2.47 -4.76 0.92
C LEU A 8 -1.13 -4.88 1.61
N GLU A 9 -1.02 -5.84 2.53
CA GLU A 9 0.21 -6.07 3.26
C GLU A 9 1.40 -6.21 2.31
N GLU A 10 1.14 -6.77 1.13
CA GLU A 10 2.19 -6.96 0.13
C GLU A 10 2.55 -5.63 -0.54
N CYS A 11 1.54 -4.82 -0.83
CA CYS A 11 1.75 -3.53 -1.47
C CYS A 11 2.56 -2.61 -0.56
N GLN A 12 2.13 -2.50 0.70
CA GLN A 12 2.81 -1.64 1.66
C GLN A 12 4.21 -2.18 1.97
N ASN A 13 4.31 -3.49 2.15
CA ASN A 13 5.59 -4.12 2.45
C ASN A 13 6.63 -3.77 1.39
N VAL A 14 6.21 -3.76 0.13
CA VAL A 14 7.12 -3.43 -0.96
C VAL A 14 7.49 -1.96 -0.95
N CYS A 15 6.51 -1.11 -0.65
CA CYS A 15 6.74 0.33 -0.59
C CYS A 15 7.85 0.67 0.40
N ARG A 16 7.82 0.00 1.55
CA ARG A 16 8.83 0.24 2.59
C ARG A 16 10.21 -0.20 2.12
N MET A 17 10.24 -1.06 1.11
CA MET A 17 11.51 -1.55 0.56
C MET A 17 12.03 -0.61 -0.52
N LYS A 18 11.32 0.49 -0.74
CA LYS A 18 11.71 1.47 -1.74
C LYS A 18 12.90 2.30 -1.27
N ARG A 19 14.00 2.24 -2.01
CA ARG A 19 15.21 2.98 -1.65
C ARG A 19 15.21 4.36 -2.31
N TRP A 20 14.08 5.04 -2.26
CA TRP A 20 13.95 6.37 -2.85
C TRP A 20 14.01 7.45 -1.79
N SER A 21 13.04 7.45 -0.89
CA SER A 21 12.98 8.44 0.18
C SER A 21 11.80 8.16 1.11
N THR A 22 11.96 8.52 2.39
CA THR A 22 10.92 8.31 3.38
C THR A 22 9.58 8.88 2.90
N GLU A 23 9.65 10.05 2.27
CA GLU A 23 8.44 10.70 1.76
C GLU A 23 7.74 9.83 0.72
N MET A 24 8.54 9.26 -0.19
CA MET A 24 7.99 8.41 -1.23
C MET A 24 7.37 7.14 -0.66
N VAL A 25 7.97 6.65 0.43
CA VAL A 25 7.48 5.45 1.08
C VAL A 25 6.10 5.67 1.69
N HIS A 26 5.96 6.78 2.42
CA HIS A 26 4.69 7.11 3.06
C HIS A 26 3.59 7.29 2.02
N ARG A 27 3.85 8.13 1.02
CA ARG A 27 2.89 8.38 -0.04
C ARG A 27 2.47 7.08 -0.72
N CYS A 28 3.42 6.17 -0.88
CA CYS A 28 3.16 4.89 -1.51
C CYS A 28 2.13 4.08 -0.72
N GLU A 29 2.44 3.86 0.56
CA GLU A 29 1.54 3.10 1.43
C GLU A 29 0.14 3.71 1.42
N LYS A 30 0.06 5.02 1.65
CA LYS A 30 -1.23 5.71 1.67
C LYS A 30 -1.99 5.48 0.37
N LYS A 31 -1.27 5.37 -0.73
CA LYS A 31 -1.87 5.14 -2.04
C LYS A 31 -2.46 3.74 -2.11
N CYS A 32 -1.65 2.74 -1.79
CA CYS A 32 -2.10 1.35 -1.82
C CYS A 32 -3.32 1.14 -0.93
N GLU A 33 -3.45 1.99 0.09
CA GLU A 33 -4.56 1.91 1.02
C GLU A 33 -5.84 2.44 0.39
N GLU A 34 -5.76 3.63 -0.20
CA GLU A 34 -6.91 4.24 -0.85
C GLU A 34 -7.32 3.47 -2.10
N LYS A 35 -6.32 3.03 -2.86
CA LYS A 35 -6.57 2.27 -4.08
C LYS A 35 -7.19 0.92 -3.77
N PHE A 36 -7.10 0.50 -2.51
CA PHE A 36 -7.65 -0.78 -2.09
C PHE A 36 -9.17 -0.69 -1.96
N GLU A 37 -9.66 0.50 -1.66
CA GLU A 37 -11.10 0.71 -1.51
C GLU A 37 -11.82 0.51 -2.84
N ARG A 38 -12.71 -0.49 -2.87
CA ARG A 38 -13.46 -0.78 -4.09
C ARG A 38 -14.58 0.22 -4.30
N GLN A 39 -14.82 0.57 -5.56
CA GLN A 39 -15.88 1.54 -5.89
C GLN A 39 -15.61 2.89 -5.22
N GLN A 40 -14.33 3.23 -5.08
CA GLN A 40 -13.95 4.50 -4.45
C GLN A 40 -14.19 5.67 -5.40
N ARG A 41 -13.96 6.87 -4.91
CA ARG A 41 -14.15 8.08 -5.70
C ARG A 41 -13.32 9.23 -5.16
N SER A 1 -8.47 -10.57 7.11
CA SER A 1 -9.66 -11.34 6.79
C SER A 1 -10.65 -10.52 5.98
N GLU A 2 -11.02 -9.36 6.51
CA GLU A 2 -11.96 -8.47 5.84
C GLU A 2 -11.38 -7.97 4.52
N LYS A 3 -12.06 -8.29 3.42
CA LYS A 3 -11.62 -7.88 2.10
C LYS A 3 -10.26 -8.49 1.76
N PRO A 4 -9.94 -8.51 0.46
CA PRO A 4 -8.67 -9.06 -0.03
C PRO A 4 -7.48 -8.19 0.36
N GLN A 5 -7.11 -8.24 1.63
CA GLN A 5 -5.97 -7.45 2.13
C GLN A 5 -4.66 -7.99 1.58
N GLN A 6 -4.71 -9.17 0.98
CA GLN A 6 -3.52 -9.80 0.41
C GLN A 6 -2.82 -8.86 -0.57
N GLU A 7 -3.61 -8.02 -1.23
CA GLU A 7 -3.08 -7.07 -2.21
C GLU A 7 -2.37 -5.91 -1.51
N LEU A 8 -2.92 -5.51 -0.36
CA LEU A 8 -2.34 -4.40 0.40
C LEU A 8 -0.89 -4.70 0.77
N GLU A 9 -0.65 -5.89 1.30
CA GLU A 9 0.69 -6.30 1.69
C GLU A 9 1.68 -6.08 0.55
N GLU A 10 1.23 -6.34 -0.67
CA GLU A 10 2.07 -6.17 -1.85
C GLU A 10 2.36 -4.70 -2.12
N CYS A 11 1.33 -3.86 -1.95
CA CYS A 11 1.47 -2.43 -2.17
C CYS A 11 2.49 -1.82 -1.21
N GLN A 12 2.27 -2.03 0.08
CA GLN A 12 3.18 -1.50 1.10
C GLN A 12 4.57 -2.09 0.94
N ASN A 13 4.63 -3.39 0.66
CA ASN A 13 5.91 -4.08 0.49
C ASN A 13 6.77 -3.37 -0.55
N VAL A 14 6.15 -2.97 -1.64
CA VAL A 14 6.85 -2.28 -2.72
C VAL A 14 7.25 -0.86 -2.29
N CYS A 15 6.40 -0.22 -1.50
CA CYS A 15 6.67 1.13 -1.02
C CYS A 15 7.96 1.18 -0.22
N ARG A 16 8.15 0.20 0.65
CA ARG A 16 9.35 0.12 1.48
C ARG A 16 10.59 -0.13 0.62
N MET A 17 10.37 -0.68 -0.56
CA MET A 17 11.47 -0.97 -1.48
C MET A 17 11.81 0.25 -2.32
N LYS A 18 11.12 1.36 -2.07
CA LYS A 18 11.35 2.60 -2.81
C LYS A 18 12.65 3.26 -2.36
N ARG A 19 13.53 3.53 -3.32
CA ARG A 19 14.81 4.16 -3.02
C ARG A 19 14.71 5.67 -3.16
N TRP A 20 13.63 6.24 -2.61
CA TRP A 20 13.42 7.68 -2.67
C TRP A 20 13.69 8.32 -1.31
N SER A 21 12.83 8.01 -0.34
CA SER A 21 12.98 8.56 1.01
C SER A 21 11.93 7.99 1.95
N THR A 22 12.25 7.96 3.23
CA THR A 22 11.33 7.43 4.24
C THR A 22 9.96 8.08 4.12
N GLU A 23 9.94 9.38 3.83
CA GLU A 23 8.68 10.11 3.69
C GLU A 23 7.85 9.53 2.55
N MET A 24 8.50 9.25 1.43
CA MET A 24 7.81 8.70 0.26
C MET A 24 7.25 7.31 0.57
N VAL A 25 7.96 6.57 1.43
CA VAL A 25 7.53 5.22 1.80
C VAL A 25 6.24 5.27 2.61
N HIS A 26 6.21 6.13 3.62
CA HIS A 26 5.03 6.27 4.46
C HIS A 26 3.83 6.74 3.65
N ARG A 27 4.01 7.81 2.90
CA ARG A 27 2.94 8.36 2.07
C ARG A 27 2.41 7.31 1.10
N CYS A 28 3.31 6.49 0.57
CA CYS A 28 2.93 5.44 -0.37
C CYS A 28 1.99 4.44 0.28
N GLU A 29 2.31 4.04 1.51
CA GLU A 29 1.50 3.07 2.24
C GLU A 29 0.14 3.67 2.60
N LYS A 30 0.14 4.96 2.94
CA LYS A 30 -1.08 5.65 3.30
C LYS A 30 -2.09 5.62 2.16
N LYS A 31 -1.68 6.11 0.99
CA LYS A 31 -2.55 6.12 -0.18
C LYS A 31 -3.03 4.72 -0.52
N CYS A 32 -2.12 3.74 -0.40
CA CYS A 32 -2.46 2.35 -0.69
C CYS A 32 -3.55 1.85 0.24
N GLU A 33 -3.58 2.40 1.46
CA GLU A 33 -4.57 2.00 2.45
C GLU A 33 -5.94 2.58 2.12
N GLU A 34 -5.99 3.91 1.96
CA GLU A 34 -7.25 4.59 1.64
C GLU A 34 -7.86 4.02 0.36
N LYS A 35 -7.04 3.84 -0.66
CA LYS A 35 -7.50 3.31 -1.94
C LYS A 35 -8.00 1.87 -1.77
N PHE A 36 -7.65 1.26 -0.65
CA PHE A 36 -8.07 -0.12 -0.37
C PHE A 36 -9.45 -0.15 0.27
N GLU A 37 -9.83 0.96 0.91
CA GLU A 37 -11.12 1.05 1.57
C GLU A 37 -12.26 0.84 0.57
N ARG A 38 -11.96 1.07 -0.71
CA ARG A 38 -12.95 0.90 -1.76
C ARG A 38 -12.28 0.61 -3.10
N GLN A 39 -12.41 -0.64 -3.56
CA GLN A 39 -11.81 -1.04 -4.82
C GLN A 39 -12.78 -1.87 -5.64
N GLN A 40 -12.36 -2.29 -6.82
CA GLN A 40 -13.19 -3.10 -7.70
C GLN A 40 -12.94 -4.59 -7.50
N ARG A 41 -11.70 -4.93 -7.14
CA ARG A 41 -11.33 -6.31 -6.91
C ARG A 41 -10.31 -6.42 -5.79
N SER A 1 -11.93 -17.34 -1.33
CA SER A 1 -10.68 -16.71 -0.92
C SER A 1 -10.70 -16.40 0.57
N GLU A 2 -9.53 -16.41 1.20
CA GLU A 2 -9.42 -16.13 2.63
C GLU A 2 -8.49 -14.95 2.87
N LYS A 3 -8.91 -14.03 3.74
CA LYS A 3 -8.11 -12.86 4.06
C LYS A 3 -7.67 -12.12 2.80
N PRO A 4 -8.62 -11.41 2.17
CA PRO A 4 -8.35 -10.66 0.93
C PRO A 4 -7.47 -9.44 1.19
N GLN A 5 -7.22 -9.14 2.46
CA GLN A 5 -6.38 -8.01 2.83
C GLN A 5 -4.94 -8.45 3.05
N GLN A 6 -4.58 -9.58 2.46
CA GLN A 6 -3.22 -10.11 2.60
C GLN A 6 -2.27 -9.46 1.60
N GLU A 7 -2.83 -9.03 0.46
CA GLU A 7 -2.02 -8.39 -0.57
C GLU A 7 -1.55 -7.01 -0.12
N LEU A 8 -2.38 -6.33 0.65
CA LEU A 8 -2.04 -4.99 1.16
C LEU A 8 -0.70 -5.01 1.87
N GLU A 9 -0.53 -5.95 2.79
CA GLU A 9 0.72 -6.08 3.53
C GLU A 9 1.92 -6.12 2.59
N GLU A 10 1.73 -6.76 1.44
CA GLU A 10 2.79 -6.88 0.45
C GLU A 10 3.07 -5.54 -0.22
N CYS A 11 2.00 -4.82 -0.55
CA CYS A 11 2.11 -3.52 -1.20
C CYS A 11 2.90 -2.55 -0.33
N GLN A 12 2.51 -2.43 0.93
CA GLN A 12 3.18 -1.54 1.86
C GLN A 12 4.65 -1.94 2.04
N ASN A 13 4.88 -3.23 2.25
CA ASN A 13 6.23 -3.74 2.44
C ASN A 13 7.13 -3.34 1.27
N VAL A 14 6.61 -3.45 0.06
CA VAL A 14 7.35 -3.09 -1.15
C VAL A 14 7.71 -1.61 -1.14
N CYS A 15 6.76 -0.78 -0.74
CA CYS A 15 6.97 0.67 -0.69
C CYS A 15 8.13 1.01 0.24
N ARG A 16 8.17 0.36 1.39
CA ARG A 16 9.23 0.60 2.37
C ARG A 16 10.56 0.02 1.89
N MET A 17 10.49 -0.86 0.90
CA MET A 17 11.69 -1.48 0.35
C MET A 17 12.18 -0.74 -0.88
N LYS A 18 11.58 0.43 -1.14
CA LYS A 18 11.95 1.23 -2.29
C LYS A 18 13.28 1.94 -2.05
N ARG A 19 13.67 2.80 -2.99
CA ARG A 19 14.92 3.54 -2.88
C ARG A 19 14.73 5.00 -3.28
N TRP A 20 13.51 5.49 -3.13
CA TRP A 20 13.20 6.87 -3.48
C TRP A 20 13.03 7.73 -2.23
N SER A 21 12.63 8.98 -2.42
CA SER A 21 12.44 9.90 -1.30
C SER A 21 11.49 9.32 -0.28
N THR A 22 11.76 9.57 1.00
CA THR A 22 10.93 9.07 2.09
C THR A 22 9.46 9.42 1.86
N GLU A 23 9.21 10.63 1.38
CA GLU A 23 7.84 11.08 1.12
C GLU A 23 7.11 10.09 0.23
N MET A 24 7.80 9.59 -0.79
CA MET A 24 7.20 8.63 -1.71
C MET A 24 6.88 7.32 -1.00
N VAL A 25 7.71 6.94 -0.03
CA VAL A 25 7.51 5.72 0.73
C VAL A 25 6.19 5.75 1.48
N HIS A 26 5.95 6.84 2.21
CA HIS A 26 4.72 6.99 2.97
C HIS A 26 3.51 7.07 2.05
N ARG A 27 3.57 7.98 1.08
CA ARG A 27 2.48 8.15 0.12
C ARG A 27 2.14 6.83 -0.56
N CYS A 28 3.17 6.07 -0.91
CA CYS A 28 2.98 4.78 -1.57
C CYS A 28 2.16 3.84 -0.70
N GLU A 29 2.57 3.70 0.56
CA GLU A 29 1.87 2.82 1.49
C GLU A 29 0.39 3.20 1.59
N LYS A 30 0.12 4.47 1.85
CA LYS A 30 -1.24 4.95 1.97
C LYS A 30 -2.03 4.68 0.69
N LYS A 31 -1.45 5.05 -0.45
CA LYS A 31 -2.09 4.85 -1.73
C LYS A 31 -2.54 3.39 -1.90
N CYS A 32 -1.71 2.47 -1.43
CA CYS A 32 -2.02 1.05 -1.52
C CYS A 32 -3.24 0.70 -0.66
N GLU A 33 -3.25 1.22 0.57
CA GLU A 33 -4.35 0.97 1.49
C GLU A 33 -5.64 1.63 0.99
N GLU A 34 -5.50 2.74 0.29
CA GLU A 34 -6.64 3.47 -0.24
C GLU A 34 -7.22 2.77 -1.46
N LYS A 35 -6.35 2.41 -2.40
CA LYS A 35 -6.77 1.74 -3.62
C LYS A 35 -7.31 0.34 -3.30
N PHE A 36 -7.04 -0.12 -2.09
CA PHE A 36 -7.49 -1.45 -1.66
C PHE A 36 -8.99 -1.43 -1.35
N GLU A 37 -9.50 -0.25 -1.02
CA GLU A 37 -10.92 -0.10 -0.71
C GLU A 37 -11.80 -0.62 -1.84
N ARG A 38 -13.04 -0.95 -1.53
CA ARG A 38 -13.97 -1.47 -2.51
C ARG A 38 -14.33 -0.40 -3.53
N GLN A 39 -14.60 0.82 -3.05
CA GLN A 39 -14.95 1.93 -3.92
C GLN A 39 -13.73 2.44 -4.67
N GLN A 40 -13.93 3.45 -5.50
CA GLN A 40 -12.85 4.04 -6.29
C GLN A 40 -12.08 5.06 -5.46
N ARG A 41 -10.78 5.17 -5.72
CA ARG A 41 -9.93 6.11 -5.00
C ARG A 41 -9.97 5.83 -3.49
N SER A 1 -12.37 -15.45 4.22
CA SER A 1 -11.82 -16.54 3.43
C SER A 1 -11.03 -16.00 2.24
N GLU A 2 -11.52 -14.92 1.65
CA GLU A 2 -10.86 -14.30 0.51
C GLU A 2 -9.71 -13.39 0.96
N LYS A 3 -9.93 -12.71 2.07
CA LYS A 3 -8.92 -11.80 2.62
C LYS A 3 -8.51 -10.77 1.57
N PRO A 4 -9.38 -9.78 1.33
CA PRO A 4 -9.12 -8.72 0.35
C PRO A 4 -8.02 -7.76 0.81
N GLN A 5 -7.75 -7.77 2.12
CA GLN A 5 -6.73 -6.91 2.69
C GLN A 5 -5.34 -7.35 2.25
N GLN A 6 -5.25 -8.56 1.71
CA GLN A 6 -3.97 -9.10 1.25
C GLN A 6 -3.31 -8.15 0.25
N GLU A 7 -4.12 -7.36 -0.44
CA GLU A 7 -3.61 -6.41 -1.42
C GLU A 7 -2.99 -5.20 -0.73
N LEU A 8 -3.50 -4.87 0.44
CA LEU A 8 -3.01 -3.73 1.20
C LEU A 8 -1.67 -4.05 1.86
N GLU A 9 -1.58 -5.22 2.46
CA GLU A 9 -0.35 -5.66 3.12
C GLU A 9 0.81 -5.71 2.13
N GLU A 10 0.53 -6.19 0.92
CA GLU A 10 1.55 -6.29 -0.11
C GLU A 10 1.93 -4.91 -0.64
N CYS A 11 0.93 -4.05 -0.79
CA CYS A 11 1.15 -2.70 -1.29
C CYS A 11 2.09 -1.93 -0.38
N GLN A 12 1.82 -1.97 0.93
CA GLN A 12 2.64 -1.28 1.90
C GLN A 12 4.02 -1.92 1.99
N ASN A 13 4.06 -3.25 2.03
CA ASN A 13 5.32 -3.98 2.12
C ASN A 13 6.26 -3.57 0.99
N VAL A 14 5.72 -3.41 -0.20
CA VAL A 14 6.52 -3.02 -1.36
C VAL A 14 7.00 -1.59 -1.23
N CYS A 15 6.13 -0.71 -0.77
CA CYS A 15 6.47 0.70 -0.60
C CYS A 15 7.69 0.86 0.30
N ARG A 16 7.73 0.09 1.38
CA ARG A 16 8.85 0.15 2.32
C ARG A 16 10.14 -0.33 1.66
N MET A 17 10.00 -1.05 0.55
CA MET A 17 11.15 -1.57 -0.18
C MET A 17 11.63 -0.56 -1.23
N LYS A 18 10.98 0.60 -1.26
CA LYS A 18 11.33 1.65 -2.22
C LYS A 18 12.63 2.34 -1.81
N ARG A 19 13.62 2.32 -2.69
CA ARG A 19 14.90 2.94 -2.42
C ARG A 19 14.93 4.37 -2.95
N TRP A 20 13.85 5.10 -2.71
CA TRP A 20 13.75 6.49 -3.17
C TRP A 20 14.03 7.46 -2.04
N SER A 21 13.16 7.45 -1.02
CA SER A 21 13.32 8.33 0.13
C SER A 21 12.26 8.03 1.19
N THR A 22 12.62 8.25 2.45
CA THR A 22 11.71 8.00 3.56
C THR A 22 10.38 8.70 3.32
N GLU A 23 10.44 9.91 2.80
CA GLU A 23 9.23 10.70 2.53
C GLU A 23 8.32 9.97 1.55
N MET A 24 8.92 9.43 0.49
CA MET A 24 8.16 8.72 -0.53
C MET A 24 7.55 7.45 0.04
N VAL A 25 8.25 6.81 0.97
CA VAL A 25 7.77 5.60 1.60
C VAL A 25 6.48 5.85 2.38
N HIS A 26 6.52 6.81 3.30
CA HIS A 26 5.35 7.16 4.09
C HIS A 26 4.17 7.52 3.21
N ARG A 27 4.42 8.37 2.22
CA ARG A 27 3.37 8.79 1.29
C ARG A 27 2.80 7.61 0.53
N CYS A 28 3.69 6.71 0.09
CA CYS A 28 3.28 5.52 -0.66
C CYS A 28 2.35 4.65 0.17
N GLU A 29 2.79 4.31 1.38
CA GLU A 29 2.00 3.48 2.28
C GLU A 29 0.60 4.05 2.46
N LYS A 30 0.53 5.30 2.92
CA LYS A 30 -0.75 5.97 3.14
C LYS A 30 -1.59 5.97 1.86
N LYS A 31 -0.93 6.15 0.72
CA LYS A 31 -1.61 6.17 -0.56
C LYS A 31 -2.29 4.83 -0.84
N CYS A 32 -1.59 3.74 -0.52
CA CYS A 32 -2.13 2.41 -0.73
C CYS A 32 -3.34 2.16 0.16
N GLU A 33 -3.29 2.66 1.38
CA GLU A 33 -4.38 2.50 2.33
C GLU A 33 -5.55 3.41 1.98
N GLU A 34 -5.23 4.57 1.40
CA GLU A 34 -6.26 5.52 1.02
C GLU A 34 -6.99 5.07 -0.25
N LYS A 35 -6.23 4.68 -1.26
CA LYS A 35 -6.81 4.22 -2.52
C LYS A 35 -7.57 2.91 -2.32
N PHE A 36 -7.35 2.26 -1.17
CA PHE A 36 -8.02 1.01 -0.86
C PHE A 36 -9.47 1.25 -0.48
N GLU A 37 -9.78 2.48 -0.06
CA GLU A 37 -11.14 2.83 0.33
C GLU A 37 -12.07 2.84 -0.88
N ARG A 38 -11.49 2.98 -2.07
CA ARG A 38 -12.27 3.01 -3.29
C ARG A 38 -11.48 2.40 -4.45
N GLN A 39 -11.82 1.18 -4.82
CA GLN A 39 -11.14 0.49 -5.91
C GLN A 39 -12.06 -0.54 -6.56
N GLN A 40 -11.70 -0.96 -7.77
CA GLN A 40 -12.49 -1.94 -8.50
C GLN A 40 -12.31 -3.34 -7.92
N ARG A 41 -13.07 -4.30 -8.44
CA ARG A 41 -12.99 -5.68 -7.96
C ARG A 41 -11.82 -6.40 -8.60
N SER A 1 -4.72 -14.56 6.16
CA SER A 1 -3.81 -15.48 5.47
C SER A 1 -4.25 -15.70 4.03
N GLU A 2 -5.51 -16.08 3.85
CA GLU A 2 -6.05 -16.32 2.52
C GLU A 2 -7.15 -15.31 2.19
N LYS A 3 -7.07 -14.15 2.82
CA LYS A 3 -8.05 -13.09 2.60
C LYS A 3 -7.68 -12.25 1.37
N PRO A 4 -8.66 -11.52 0.83
CA PRO A 4 -8.47 -10.67 -0.34
C PRO A 4 -7.61 -9.44 -0.03
N GLN A 5 -7.60 -9.05 1.24
CA GLN A 5 -6.82 -7.89 1.67
C GLN A 5 -5.45 -8.32 2.18
N GLN A 6 -5.02 -9.51 1.78
CA GLN A 6 -3.73 -10.03 2.21
C GLN A 6 -2.62 -9.52 1.30
N GLU A 7 -2.96 -9.19 0.07
CA GLU A 7 -1.99 -8.68 -0.90
C GLU A 7 -1.55 -7.27 -0.54
N LEU A 8 -2.48 -6.50 0.03
CA LEU A 8 -2.18 -5.12 0.41
C LEU A 8 -0.99 -5.06 1.36
N GLU A 9 -1.00 -5.92 2.39
CA GLU A 9 0.08 -5.97 3.35
C GLU A 9 1.43 -6.09 2.65
N GLU A 10 1.45 -6.85 1.55
CA GLU A 10 2.68 -7.06 0.80
C GLU A 10 3.09 -5.78 0.06
N CYS A 11 2.11 -5.09 -0.50
CA CYS A 11 2.36 -3.86 -1.24
C CYS A 11 2.93 -2.79 -0.31
N GLN A 12 2.25 -2.55 0.81
CA GLN A 12 2.69 -1.56 1.78
C GLN A 12 4.02 -1.95 2.40
N ASN A 13 4.16 -3.24 2.72
CA ASN A 13 5.38 -3.75 3.33
C ASN A 13 6.60 -3.43 2.46
N VAL A 14 6.43 -3.56 1.16
CA VAL A 14 7.51 -3.27 0.22
C VAL A 14 7.80 -1.78 0.15
N CYS A 15 6.74 -0.98 0.16
CA CYS A 15 6.88 0.47 0.10
C CYS A 15 7.75 0.99 1.24
N ARG A 16 7.53 0.43 2.42
CA ARG A 16 8.30 0.84 3.60
C ARG A 16 9.78 0.47 3.45
N MET A 17 10.06 -0.39 2.48
CA MET A 17 11.44 -0.82 2.23
C MET A 17 12.09 0.04 1.15
N LYS A 18 11.39 1.09 0.74
CA LYS A 18 11.89 1.99 -0.29
C LYS A 18 12.98 2.90 0.28
N ARG A 19 14.17 2.82 -0.31
CA ARG A 19 15.30 3.64 0.14
C ARG A 19 15.38 4.94 -0.66
N TRP A 20 14.23 5.56 -0.89
CA TRP A 20 14.17 6.80 -1.65
C TRP A 20 13.95 7.99 -0.71
N SER A 21 12.79 8.02 -0.06
CA SER A 21 12.44 9.09 0.85
C SER A 21 11.10 8.83 1.52
N THR A 22 10.90 9.43 2.70
CA THR A 22 9.66 9.25 3.46
C THR A 22 8.45 9.54 2.58
N GLU A 23 8.54 10.61 1.78
CA GLU A 23 7.44 10.98 0.89
C GLU A 23 7.06 9.83 -0.03
N MET A 24 8.07 9.17 -0.59
CA MET A 24 7.84 8.05 -1.49
C MET A 24 7.19 6.88 -0.75
N VAL A 25 7.60 6.67 0.49
CA VAL A 25 7.05 5.59 1.30
C VAL A 25 5.59 5.83 1.62
N HIS A 26 5.28 7.03 2.11
CA HIS A 26 3.91 7.39 2.46
C HIS A 26 3.02 7.36 1.22
N ARG A 27 3.50 7.97 0.14
CA ARG A 27 2.74 8.02 -1.11
C ARG A 27 2.52 6.62 -1.67
N CYS A 28 3.59 5.82 -1.69
CA CYS A 28 3.52 4.46 -2.21
C CYS A 28 2.49 3.64 -1.44
N GLU A 29 2.61 3.65 -0.11
CA GLU A 29 1.68 2.90 0.73
C GLU A 29 0.23 3.24 0.39
N LYS A 30 -0.10 4.53 0.49
CA LYS A 30 -1.45 5.00 0.20
C LYS A 30 -1.87 4.58 -1.21
N LYS A 31 -0.99 4.81 -2.17
CA LYS A 31 -1.28 4.46 -3.56
C LYS A 31 -1.73 3.00 -3.68
N CYS A 32 -1.07 2.12 -2.92
CA CYS A 32 -1.41 0.70 -2.93
C CYS A 32 -2.80 0.47 -2.36
N GLU A 33 -3.10 1.12 -1.23
CA GLU A 33 -4.39 0.98 -0.59
C GLU A 33 -5.49 1.61 -1.43
N GLU A 34 -5.10 2.56 -2.28
CA GLU A 34 -6.06 3.25 -3.15
C GLU A 34 -6.49 2.36 -4.30
N LYS A 35 -5.51 1.84 -5.05
CA LYS A 35 -5.79 0.98 -6.18
C LYS A 35 -6.42 -0.34 -5.72
N PHE A 36 -6.33 -0.61 -4.42
CA PHE A 36 -6.90 -1.83 -3.85
C PHE A 36 -8.41 -1.73 -3.77
N GLU A 37 -8.92 -0.65 -3.18
CA GLU A 37 -10.34 -0.45 -3.04
C GLU A 37 -10.68 1.05 -3.03
N ARG A 38 -11.94 1.36 -3.33
CA ARG A 38 -12.39 2.74 -3.36
C ARG A 38 -12.59 3.28 -1.95
N GLN A 39 -12.25 4.56 -1.76
CA GLN A 39 -12.39 5.20 -0.45
C GLN A 39 -13.75 5.88 -0.32
N GLN A 40 -13.97 6.90 -1.13
CA GLN A 40 -15.23 7.64 -1.10
C GLN A 40 -16.35 6.84 -1.76
N ARG A 41 -17.56 6.99 -1.24
CA ARG A 41 -18.71 6.28 -1.78
C ARG A 41 -18.51 4.77 -1.69
N SER A 1 -4.47 -17.77 7.75
CA SER A 1 -5.71 -17.04 7.54
C SER A 1 -5.75 -16.42 6.14
N GLU A 2 -6.96 -16.10 5.69
CA GLU A 2 -7.13 -15.50 4.37
C GLU A 2 -8.16 -14.37 4.41
N LYS A 3 -7.83 -13.26 3.76
CA LYS A 3 -8.71 -12.10 3.73
C LYS A 3 -8.42 -11.23 2.51
N PRO A 4 -9.39 -10.39 2.14
CA PRO A 4 -9.27 -9.48 0.99
C PRO A 4 -8.25 -8.36 1.25
N GLN A 5 -7.79 -8.27 2.48
CA GLN A 5 -6.82 -7.24 2.86
C GLN A 5 -5.40 -7.79 2.79
N GLN A 6 -5.21 -8.83 1.99
CA GLN A 6 -3.90 -9.45 1.84
C GLN A 6 -3.06 -8.72 0.80
N GLU A 7 -3.73 -8.17 -0.21
CA GLU A 7 -3.05 -7.45 -1.27
C GLU A 7 -2.35 -6.20 -0.72
N LEU A 8 -2.98 -5.57 0.26
CA LEU A 8 -2.42 -4.37 0.89
C LEU A 8 -1.00 -4.63 1.37
N GLU A 9 -0.81 -5.73 2.09
CA GLU A 9 0.50 -6.08 2.61
C GLU A 9 1.56 -6.05 1.50
N GLU A 10 1.15 -6.43 0.29
CA GLU A 10 2.05 -6.46 -0.85
C GLU A 10 2.37 -5.04 -1.32
N CYS A 11 1.35 -4.19 -1.33
CA CYS A 11 1.51 -2.80 -1.75
C CYS A 11 2.49 -2.07 -0.84
N GLN A 12 2.22 -2.12 0.46
CA GLN A 12 3.07 -1.46 1.45
C GLN A 12 4.48 -2.03 1.42
N ASN A 13 4.57 -3.36 1.34
CA ASN A 13 5.87 -4.02 1.31
C ASN A 13 6.74 -3.49 0.18
N VAL A 14 6.12 -3.25 -0.97
CA VAL A 14 6.84 -2.72 -2.13
C VAL A 14 7.29 -1.29 -1.89
N CYS A 15 6.42 -0.49 -1.27
CA CYS A 15 6.73 0.91 -0.98
C CYS A 15 7.99 1.02 -0.14
N ARG A 16 8.09 0.17 0.89
CA ARG A 16 9.24 0.18 1.77
C ARG A 16 10.50 -0.27 1.03
N MET A 17 10.30 -0.86 -0.14
CA MET A 17 11.42 -1.35 -0.94
C MET A 17 11.83 -0.31 -1.99
N LYS A 18 11.23 0.87 -1.92
CA LYS A 18 11.52 1.94 -2.85
C LYS A 18 12.87 2.58 -2.53
N ARG A 19 13.22 2.61 -1.26
CA ARG A 19 14.48 3.20 -0.82
C ARG A 19 14.66 4.60 -1.39
N TRP A 20 13.55 5.32 -1.53
CA TRP A 20 13.58 6.68 -2.07
C TRP A 20 13.66 7.70 -0.94
N SER A 21 12.64 7.73 -0.10
CA SER A 21 12.59 8.66 1.02
C SER A 21 11.35 8.43 1.87
N THR A 22 11.45 8.75 3.16
CA THR A 22 10.34 8.59 4.09
C THR A 22 9.07 9.23 3.55
N GLU A 23 9.24 10.36 2.86
CA GLU A 23 8.10 11.08 2.29
C GLU A 23 7.42 10.25 1.20
N MET A 24 8.22 9.64 0.34
CA MET A 24 7.70 8.82 -0.75
C MET A 24 7.13 7.52 -0.21
N VAL A 25 7.87 6.86 0.69
CA VAL A 25 7.43 5.60 1.28
C VAL A 25 6.10 5.77 2.00
N HIS A 26 6.03 6.74 2.90
CA HIS A 26 4.81 7.01 3.64
C HIS A 26 3.65 7.30 2.71
N ARG A 27 3.85 8.26 1.80
CA ARG A 27 2.82 8.64 0.85
C ARG A 27 2.33 7.42 0.07
N CYS A 28 3.25 6.54 -0.29
CA CYS A 28 2.92 5.34 -1.04
C CYS A 28 1.95 4.46 -0.25
N GLU A 29 2.38 4.02 0.92
CA GLU A 29 1.56 3.17 1.78
C GLU A 29 0.18 3.78 1.99
N LYS A 30 0.12 5.11 1.97
CA LYS A 30 -1.13 5.82 2.16
C LYS A 30 -2.08 5.57 0.99
N LYS A 31 -1.68 6.01 -0.20
CA LYS A 31 -2.49 5.81 -1.40
C LYS A 31 -2.92 4.36 -1.54
N CYS A 32 -2.07 3.45 -1.08
CA CYS A 32 -2.35 2.02 -1.16
C CYS A 32 -3.54 1.66 -0.27
N GLU A 33 -3.53 2.18 0.96
CA GLU A 33 -4.60 1.91 1.90
C GLU A 33 -5.87 2.66 1.53
N GLU A 34 -5.70 3.81 0.89
CA GLU A 34 -6.84 4.63 0.47
C GLU A 34 -7.57 3.99 -0.69
N LYS A 35 -6.83 3.65 -1.74
CA LYS A 35 -7.41 3.03 -2.93
C LYS A 35 -7.97 1.66 -2.60
N PHE A 36 -7.59 1.12 -1.44
CA PHE A 36 -8.06 -0.18 -1.00
C PHE A 36 -9.50 -0.11 -0.52
N GLU A 37 -9.84 0.96 0.19
CA GLU A 37 -11.18 1.14 0.71
C GLU A 37 -12.20 1.21 -0.43
N ARG A 38 -11.71 1.57 -1.62
CA ARG A 38 -12.58 1.68 -2.79
C ARG A 38 -11.83 1.30 -4.06
N GLN A 39 -12.18 0.16 -4.64
CA GLN A 39 -11.54 -0.31 -5.86
C GLN A 39 -11.84 0.61 -7.02
N GLN A 40 -13.12 0.91 -7.23
CA GLN A 40 -13.53 1.79 -8.31
C GLN A 40 -13.63 3.24 -7.83
N ARG A 41 -13.42 4.18 -8.75
CA ARG A 41 -13.48 5.60 -8.42
C ARG A 41 -14.93 6.06 -8.28
N SER A 1 -12.58 -17.44 6.68
CA SER A 1 -11.49 -18.14 6.00
C SER A 1 -11.03 -17.39 4.76
N GLU A 2 -10.95 -16.07 4.87
CA GLU A 2 -10.53 -15.23 3.76
C GLU A 2 -9.62 -14.10 4.24
N LYS A 3 -8.89 -13.51 3.31
CA LYS A 3 -7.98 -12.42 3.63
C LYS A 3 -7.71 -11.54 2.40
N PRO A 4 -8.71 -10.72 2.04
CA PRO A 4 -8.61 -9.82 0.90
C PRO A 4 -7.62 -8.68 1.13
N GLN A 5 -7.19 -8.53 2.38
CA GLN A 5 -6.23 -7.49 2.73
C GLN A 5 -4.80 -8.01 2.72
N GLN A 6 -4.58 -9.08 1.95
CA GLN A 6 -3.26 -9.67 1.85
C GLN A 6 -2.42 -8.97 0.79
N GLU A 7 -3.10 -8.43 -0.23
CA GLU A 7 -2.41 -7.73 -1.30
C GLU A 7 -1.76 -6.45 -0.80
N LEU A 8 -2.41 -5.81 0.17
CA LEU A 8 -1.89 -4.57 0.75
C LEU A 8 -0.48 -4.78 1.28
N GLU A 9 -0.30 -5.83 2.08
CA GLU A 9 1.01 -6.13 2.65
C GLU A 9 2.09 -6.16 1.58
N GLU A 10 1.72 -6.63 0.39
CA GLU A 10 2.65 -6.70 -0.73
C GLU A 10 2.98 -5.31 -1.27
N CYS A 11 1.96 -4.48 -1.37
CA CYS A 11 2.14 -3.12 -1.87
C CYS A 11 3.04 -2.30 -0.94
N GLN A 12 2.70 -2.29 0.35
CA GLN A 12 3.48 -1.56 1.33
C GLN A 12 4.90 -2.14 1.44
N ASN A 13 5.00 -3.46 1.43
CA ASN A 13 6.28 -4.14 1.53
C ASN A 13 7.23 -3.66 0.44
N VAL A 14 6.69 -3.48 -0.77
CA VAL A 14 7.48 -3.03 -1.90
C VAL A 14 7.90 -1.57 -1.74
N CYS A 15 6.98 -0.76 -1.21
CA CYS A 15 7.26 0.66 -1.01
C CYS A 15 8.46 0.85 -0.09
N ARG A 16 8.50 0.08 0.99
CA ARG A 16 9.60 0.16 1.95
C ARG A 16 10.91 -0.27 1.31
N MET A 17 10.82 -0.93 0.16
CA MET A 17 12.00 -1.40 -0.54
C MET A 17 12.32 -0.51 -1.74
N LYS A 18 11.81 0.72 -1.70
CA LYS A 18 12.03 1.67 -2.79
C LYS A 18 13.36 2.40 -2.61
N ARG A 19 13.76 2.58 -1.35
CA ARG A 19 15.01 3.26 -1.05
C ARG A 19 15.09 4.61 -1.74
N TRP A 20 13.95 5.31 -1.78
CA TRP A 20 13.88 6.62 -2.42
C TRP A 20 13.91 7.73 -1.38
N SER A 21 12.92 7.75 -0.51
CA SER A 21 12.82 8.77 0.54
C SER A 21 11.61 8.52 1.44
N THR A 22 11.75 8.91 2.70
CA THR A 22 10.67 8.72 3.67
C THR A 22 9.35 9.28 3.14
N GLU A 23 9.43 10.38 2.41
CA GLU A 23 8.24 11.01 1.85
C GLU A 23 7.58 10.09 0.81
N MET A 24 8.41 9.51 -0.05
CA MET A 24 7.90 8.61 -1.09
C MET A 24 7.40 7.31 -0.48
N VAL A 25 8.18 6.74 0.44
CA VAL A 25 7.81 5.50 1.10
C VAL A 25 6.46 5.62 1.79
N HIS A 26 6.34 6.62 2.66
CA HIS A 26 5.10 6.86 3.39
C HIS A 26 3.92 7.03 2.42
N ARG A 27 4.07 7.97 1.49
CA ARG A 27 3.03 8.24 0.52
C ARG A 27 2.63 6.96 -0.23
N CYS A 28 3.64 6.23 -0.69
CA CYS A 28 3.41 4.99 -1.42
C CYS A 28 2.47 4.07 -0.64
N GLU A 29 2.74 3.93 0.65
CA GLU A 29 1.92 3.07 1.51
C GLU A 29 0.50 3.62 1.64
N LYS A 30 0.38 4.94 1.66
CA LYS A 30 -0.91 5.59 1.77
C LYS A 30 -1.79 5.29 0.56
N LYS A 31 -1.30 5.66 -0.62
CA LYS A 31 -2.04 5.43 -1.85
C LYS A 31 -2.46 3.97 -1.97
N CYS A 32 -1.55 3.07 -1.64
CA CYS A 32 -1.82 1.64 -1.69
C CYS A 32 -2.99 1.27 -0.78
N GLU A 33 -3.05 1.91 0.38
CA GLU A 33 -4.10 1.65 1.35
C GLU A 33 -5.41 2.31 0.91
N GLU A 34 -5.31 3.53 0.39
CA GLU A 34 -6.47 4.27 -0.06
C GLU A 34 -7.14 3.57 -1.25
N LYS A 35 -6.33 3.25 -2.26
CA LYS A 35 -6.82 2.58 -3.45
C LYS A 35 -7.35 1.18 -3.11
N PHE A 36 -7.00 0.70 -1.93
CA PHE A 36 -7.45 -0.62 -1.50
C PHE A 36 -8.92 -0.60 -1.09
N GLU A 37 -9.32 0.49 -0.43
CA GLU A 37 -10.71 0.64 0.01
C GLU A 37 -11.66 0.66 -1.18
N ARG A 38 -12.80 -0.02 -1.04
CA ARG A 38 -13.79 -0.08 -2.10
C ARG A 38 -14.55 1.24 -2.22
N GLN A 39 -15.11 1.50 -3.40
CA GLN A 39 -15.86 2.73 -3.63
C GLN A 39 -16.87 2.54 -4.75
N GLN A 40 -17.90 3.38 -4.77
CA GLN A 40 -18.93 3.32 -5.79
C GLN A 40 -18.42 3.85 -7.12
N ARG A 41 -17.44 4.75 -7.06
CA ARG A 41 -16.87 5.34 -8.25
C ARG A 41 -17.92 6.12 -9.03
N SER A 1 -5.90 -16.74 8.65
CA SER A 1 -6.86 -15.89 7.96
C SER A 1 -6.73 -16.04 6.44
N GLU A 2 -7.82 -15.76 5.74
CA GLU A 2 -7.83 -15.86 4.28
C GLU A 2 -8.67 -14.75 3.67
N LYS A 3 -8.01 -13.78 3.05
CA LYS A 3 -8.69 -12.66 2.42
C LYS A 3 -7.81 -12.00 1.36
N PRO A 4 -8.43 -11.24 0.45
CA PRO A 4 -7.71 -10.54 -0.62
C PRO A 4 -6.87 -9.38 -0.09
N GLN A 5 -7.16 -8.96 1.14
CA GLN A 5 -6.43 -7.87 1.76
C GLN A 5 -4.96 -8.23 1.98
N GLN A 6 -4.68 -9.54 1.99
CA GLN A 6 -3.33 -10.03 2.20
C GLN A 6 -2.38 -9.42 1.17
N GLU A 7 -2.90 -9.13 -0.02
CA GLU A 7 -2.09 -8.54 -1.08
C GLU A 7 -1.63 -7.15 -0.70
N LEU A 8 -2.50 -6.39 -0.04
CA LEU A 8 -2.17 -5.03 0.38
C LEU A 8 -0.91 -5.02 1.25
N GLU A 9 -0.88 -5.91 2.24
CA GLU A 9 0.26 -5.99 3.15
C GLU A 9 1.56 -6.13 2.36
N GLU A 10 1.49 -6.78 1.20
CA GLU A 10 2.66 -6.97 0.36
C GLU A 10 3.04 -5.68 -0.35
N CYS A 11 2.04 -4.98 -0.86
CA CYS A 11 2.26 -3.72 -1.56
C CYS A 11 2.89 -2.69 -0.64
N GLN A 12 2.30 -2.52 0.54
CA GLN A 12 2.80 -1.56 1.52
C GLN A 12 4.18 -1.96 2.03
N ASN A 13 4.34 -3.24 2.34
CA ASN A 13 5.61 -3.76 2.83
C ASN A 13 6.75 -3.42 1.88
N VAL A 14 6.49 -3.55 0.58
CA VAL A 14 7.50 -3.25 -0.43
C VAL A 14 7.79 -1.75 -0.48
N CYS A 15 6.74 -0.94 -0.37
CA CYS A 15 6.89 0.51 -0.41
C CYS A 15 7.85 0.98 0.68
N ARG A 16 7.71 0.41 1.88
CA ARG A 16 8.56 0.78 3.01
C ARG A 16 10.01 0.38 2.74
N MET A 17 10.20 -0.53 1.79
CA MET A 17 11.54 -0.99 1.44
C MET A 17 12.15 -0.12 0.34
N LYS A 18 11.43 0.93 -0.04
CA LYS A 18 11.90 1.84 -1.09
C LYS A 18 12.98 2.76 -0.54
N ARG A 19 14.17 2.70 -1.16
CA ARG A 19 15.28 3.54 -0.73
C ARG A 19 15.33 4.83 -1.53
N TRP A 20 14.17 5.46 -1.71
CA TRP A 20 14.07 6.71 -2.46
C TRP A 20 13.96 7.89 -1.51
N SER A 21 12.88 7.93 -0.74
CA SER A 21 12.64 9.01 0.21
C SER A 21 11.42 8.74 1.06
N THR A 22 11.45 9.20 2.31
CA THR A 22 10.34 9.00 3.23
C THR A 22 9.02 9.47 2.60
N GLU A 23 9.07 10.57 1.88
CA GLU A 23 7.89 11.12 1.23
C GLU A 23 7.31 10.12 0.22
N MET A 24 8.19 9.50 -0.56
CA MET A 24 7.77 8.53 -1.56
C MET A 24 7.16 7.30 -0.91
N VAL A 25 7.67 6.95 0.27
CA VAL A 25 7.18 5.80 1.02
C VAL A 25 5.73 6.00 1.44
N HIS A 26 5.48 7.08 2.17
CA HIS A 26 4.13 7.39 2.64
C HIS A 26 3.15 7.45 1.47
N ARG A 27 3.54 8.14 0.41
CA ARG A 27 2.68 8.27 -0.76
C ARG A 27 2.39 6.90 -1.37
N CYS A 28 3.43 6.09 -1.52
CA CYS A 28 3.29 4.76 -2.09
C CYS A 28 2.25 3.94 -1.31
N GLU A 29 2.45 3.84 -0.01
CA GLU A 29 1.54 3.09 0.84
C GLU A 29 0.10 3.54 0.62
N LYS A 30 -0.16 4.82 0.82
CA LYS A 30 -1.50 5.38 0.63
C LYS A 30 -2.02 5.10 -0.77
N LYS A 31 -1.09 4.98 -1.72
CA LYS A 31 -1.46 4.71 -3.11
C LYS A 31 -1.98 3.29 -3.26
N CYS A 32 -1.28 2.33 -2.66
CA CYS A 32 -1.69 0.93 -2.72
C CYS A 32 -2.99 0.70 -1.97
N GLU A 33 -3.26 1.54 -0.98
CA GLU A 33 -4.47 1.43 -0.18
C GLU A 33 -5.67 1.94 -0.96
N GLU A 34 -5.48 3.02 -1.70
CA GLU A 34 -6.55 3.61 -2.49
C GLU A 34 -6.82 2.79 -3.75
N LYS A 35 -5.76 2.22 -4.31
CA LYS A 35 -5.88 1.41 -5.52
C LYS A 35 -6.48 0.04 -5.20
N PHE A 36 -6.50 -0.31 -3.91
CA PHE A 36 -7.04 -1.59 -3.48
C PHE A 36 -8.56 -1.57 -3.51
N GLU A 37 -9.15 -0.58 -2.84
CA GLU A 37 -10.60 -0.45 -2.79
C GLU A 37 -11.13 0.21 -4.06
N ARG A 38 -12.11 -0.43 -4.69
CA ARG A 38 -12.70 0.09 -5.91
C ARG A 38 -13.53 1.35 -5.63
N GLN A 39 -14.22 1.35 -4.50
CA GLN A 39 -15.05 2.48 -4.12
C GLN A 39 -14.20 3.57 -3.46
N GLN A 40 -14.70 4.80 -3.48
CA GLN A 40 -13.99 5.93 -2.88
C GLN A 40 -14.13 5.91 -1.36
N ARG A 41 -13.33 6.74 -0.69
CA ARG A 41 -13.37 6.82 0.77
C ARG A 41 -13.00 5.48 1.39
N SER A 1 -13.06 -13.69 -2.90
CA SER A 1 -12.70 -13.50 -1.50
C SER A 1 -13.35 -12.24 -0.93
N GLU A 2 -13.24 -12.07 0.39
CA GLU A 2 -13.83 -10.91 1.05
C GLU A 2 -12.73 -10.00 1.61
N LYS A 3 -12.53 -8.85 0.97
CA LYS A 3 -11.53 -7.90 1.40
C LYS A 3 -10.13 -8.51 1.33
N PRO A 4 -9.60 -8.64 0.11
CA PRO A 4 -8.27 -9.20 -0.14
C PRO A 4 -7.16 -8.28 0.36
N GLN A 5 -6.99 -8.21 1.67
CA GLN A 5 -5.96 -7.38 2.27
C GLN A 5 -4.57 -7.97 2.04
N GLN A 6 -4.53 -9.24 1.66
CA GLN A 6 -3.27 -9.92 1.41
C GLN A 6 -2.45 -9.17 0.37
N GLU A 7 -3.13 -8.45 -0.50
CA GLU A 7 -2.46 -7.68 -1.55
C GLU A 7 -1.80 -6.42 -0.97
N LEU A 8 -2.50 -5.78 -0.05
CA LEU A 8 -1.99 -4.57 0.59
C LEU A 8 -0.60 -4.82 1.20
N GLU A 9 -0.48 -5.92 1.94
CA GLU A 9 0.79 -6.27 2.57
C GLU A 9 1.92 -6.26 1.55
N GLU A 10 1.61 -6.64 0.32
CA GLU A 10 2.60 -6.70 -0.75
C GLU A 10 2.97 -5.28 -1.22
N CYS A 11 1.95 -4.45 -1.41
CA CYS A 11 2.16 -3.08 -1.86
C CYS A 11 3.00 -2.30 -0.85
N GLN A 12 2.65 -2.43 0.43
CA GLN A 12 3.37 -1.74 1.49
C GLN A 12 4.82 -2.22 1.56
N ASN A 13 5.00 -3.55 1.56
CA ASN A 13 6.32 -4.14 1.63
C ASN A 13 7.23 -3.59 0.53
N VAL A 14 6.65 -3.35 -0.65
CA VAL A 14 7.40 -2.81 -1.77
C VAL A 14 7.81 -1.37 -1.53
N CYS A 15 6.89 -0.58 -0.99
CA CYS A 15 7.15 0.82 -0.70
C CYS A 15 8.34 0.97 0.25
N ARG A 16 8.36 0.14 1.29
CA ARG A 16 9.44 0.18 2.28
C ARG A 16 10.76 -0.20 1.64
N MET A 17 10.70 -0.89 0.50
CA MET A 17 11.90 -1.31 -0.21
C MET A 17 12.42 -0.20 -1.12
N LYS A 18 11.68 0.90 -1.18
CA LYS A 18 12.07 2.03 -2.01
C LYS A 18 13.23 2.80 -1.38
N ARG A 19 14.37 2.80 -2.06
CA ARG A 19 15.55 3.49 -1.57
C ARG A 19 15.57 4.94 -2.06
N TRP A 20 14.46 5.64 -1.87
CA TRP A 20 14.35 7.03 -2.29
C TRP A 20 14.42 7.96 -1.09
N SER A 21 13.43 7.87 -0.20
CA SER A 21 13.39 8.72 0.99
C SER A 21 12.20 8.34 1.87
N THR A 22 12.31 8.65 3.16
CA THR A 22 11.25 8.34 4.11
C THR A 22 9.91 8.89 3.62
N GLU A 23 9.93 10.10 3.09
CA GLU A 23 8.72 10.74 2.57
C GLU A 23 8.08 9.89 1.48
N MET A 24 8.91 9.41 0.56
CA MET A 24 8.43 8.59 -0.55
C MET A 24 7.86 7.27 -0.04
N VAL A 25 8.54 6.69 0.95
CA VAL A 25 8.09 5.43 1.53
C VAL A 25 6.75 5.58 2.23
N HIS A 26 6.65 6.58 3.10
CA HIS A 26 5.41 6.84 3.83
C HIS A 26 4.27 7.17 2.87
N ARG A 27 4.53 8.11 1.97
CA ARG A 27 3.52 8.53 1.00
C ARG A 27 3.03 7.34 0.18
N CYS A 28 3.96 6.48 -0.24
CA CYS A 28 3.62 5.31 -1.03
C CYS A 28 2.71 4.37 -0.24
N GLU A 29 3.10 4.07 0.99
CA GLU A 29 2.32 3.18 1.85
C GLU A 29 0.88 3.66 1.94
N LYS A 30 0.69 4.91 2.38
CA LYS A 30 -0.64 5.48 2.52
C LYS A 30 -1.41 5.39 1.20
N LYS A 31 -0.71 5.60 0.09
CA LYS A 31 -1.33 5.52 -1.23
C LYS A 31 -1.87 4.13 -1.51
N CYS A 32 -1.06 3.12 -1.20
CA CYS A 32 -1.46 1.73 -1.42
C CYS A 32 -2.69 1.38 -0.60
N GLU A 33 -2.77 1.94 0.61
CA GLU A 33 -3.90 1.68 1.49
C GLU A 33 -5.14 2.46 1.03
N GLU A 34 -4.95 3.73 0.69
CA GLU A 34 -6.04 4.57 0.24
C GLU A 34 -6.68 4.00 -1.03
N LYS A 35 -5.83 3.70 -2.01
CA LYS A 35 -6.30 3.14 -3.27
C LYS A 35 -6.93 1.77 -3.07
N PHE A 36 -6.68 1.17 -1.91
CA PHE A 36 -7.21 -0.15 -1.60
C PHE A 36 -8.70 -0.06 -1.26
N GLU A 37 -9.13 1.10 -0.77
CA GLU A 37 -10.52 1.31 -0.41
C GLU A 37 -11.43 1.03 -1.60
N ARG A 38 -12.72 0.91 -1.32
CA ARG A 38 -13.71 0.64 -2.37
C ARG A 38 -13.26 -0.51 -3.26
N GLN A 39 -12.64 -1.53 -2.65
CA GLN A 39 -12.17 -2.69 -3.39
C GLN A 39 -13.33 -3.58 -3.82
N GLN A 40 -14.08 -4.08 -2.84
CA GLN A 40 -15.21 -4.95 -3.12
C GLN A 40 -16.39 -4.14 -3.66
N ARG A 41 -17.43 -4.85 -4.11
CA ARG A 41 -18.61 -4.19 -4.66
C ARG A 41 -19.51 -3.67 -3.54
N SER A 1 -11.68 -13.23 -0.53
CA SER A 1 -12.75 -13.65 0.35
C SER A 1 -12.23 -13.91 1.76
N GLU A 2 -11.40 -14.94 1.89
CA GLU A 2 -10.83 -15.30 3.18
C GLU A 2 -9.97 -14.15 3.74
N LYS A 3 -9.10 -13.61 2.88
CA LYS A 3 -8.23 -12.52 3.29
C LYS A 3 -7.80 -11.70 2.07
N PRO A 4 -8.73 -10.88 1.55
CA PRO A 4 -8.47 -10.03 0.38
C PRO A 4 -7.50 -8.89 0.72
N GLN A 5 -7.18 -8.72 1.99
CA GLN A 5 -6.27 -7.67 2.43
C GLN A 5 -4.85 -8.21 2.55
N GLN A 6 -4.55 -9.28 1.83
CA GLN A 6 -3.24 -9.89 1.86
C GLN A 6 -2.28 -9.18 0.89
N GLU A 7 -2.83 -8.70 -0.22
CA GLU A 7 -2.04 -8.01 -1.22
C GLU A 7 -1.57 -6.66 -0.70
N LEU A 8 -2.31 -6.11 0.26
CA LEU A 8 -1.98 -4.82 0.84
C LEU A 8 -0.71 -4.91 1.68
N GLU A 9 -0.58 -5.99 2.43
CA GLU A 9 0.57 -6.21 3.29
C GLU A 9 1.87 -6.13 2.47
N GLU A 10 1.99 -7.02 1.49
CA GLU A 10 3.18 -7.06 0.65
C GLU A 10 3.40 -5.71 -0.04
N CYS A 11 2.32 -5.12 -0.54
CA CYS A 11 2.41 -3.83 -1.23
C CYS A 11 3.05 -2.79 -0.31
N GLN A 12 2.52 -2.66 0.89
CA GLN A 12 3.04 -1.69 1.85
C GLN A 12 4.46 -2.05 2.27
N ASN A 13 4.66 -3.31 2.66
CA ASN A 13 5.97 -3.78 3.08
C ASN A 13 7.04 -3.40 2.07
N VAL A 14 6.68 -3.44 0.79
CA VAL A 14 7.61 -3.09 -0.28
C VAL A 14 7.86 -1.59 -0.32
N CYS A 15 6.79 -0.80 -0.18
CA CYS A 15 6.90 0.65 -0.20
C CYS A 15 7.86 1.14 0.87
N ARG A 16 7.79 0.52 2.05
CA ARG A 16 8.66 0.90 3.15
C ARG A 16 10.10 0.46 2.89
N MET A 17 10.27 -0.46 1.95
CA MET A 17 11.60 -0.97 1.60
C MET A 17 12.19 -0.20 0.43
N LYS A 18 11.52 0.88 0.04
CA LYS A 18 11.98 1.71 -1.07
C LYS A 18 13.17 2.57 -0.65
N ARG A 19 14.28 2.42 -1.37
CA ARG A 19 15.48 3.18 -1.07
C ARG A 19 15.53 4.47 -1.88
N TRP A 20 14.39 5.17 -1.94
CA TRP A 20 14.30 6.42 -2.68
C TRP A 20 14.27 7.61 -1.74
N SER A 21 13.22 7.70 -0.93
CA SER A 21 13.07 8.79 0.02
C SER A 21 11.81 8.62 0.86
N THR A 22 11.85 9.14 2.09
CA THR A 22 10.72 9.03 2.99
C THR A 22 9.43 9.52 2.33
N GLU A 23 9.54 10.58 1.54
CA GLU A 23 8.39 11.14 0.84
C GLU A 23 7.78 10.10 -0.10
N MET A 24 8.62 9.39 -0.83
CA MET A 24 8.17 8.37 -1.77
C MET A 24 7.50 7.22 -1.03
N VAL A 25 8.02 6.87 0.15
CA VAL A 25 7.47 5.79 0.95
C VAL A 25 6.05 6.12 1.40
N HIS A 26 5.85 7.33 1.92
CA HIS A 26 4.54 7.76 2.38
C HIS A 26 3.52 7.73 1.25
N ARG A 27 3.91 8.29 0.10
CA ARG A 27 3.03 8.33 -1.06
C ARG A 27 2.76 6.93 -1.57
N CYS A 28 3.79 6.11 -1.62
CA CYS A 28 3.65 4.73 -2.10
C CYS A 28 2.64 3.96 -1.25
N GLU A 29 2.79 4.05 0.07
CA GLU A 29 1.88 3.35 0.98
C GLU A 29 0.44 3.77 0.74
N LYS A 30 0.19 5.09 0.78
CA LYS A 30 -1.14 5.62 0.57
C LYS A 30 -1.72 5.14 -0.76
N LYS A 31 -0.84 4.93 -1.73
CA LYS A 31 -1.27 4.47 -3.06
C LYS A 31 -1.74 3.02 -2.99
N CYS A 32 -0.94 2.16 -2.38
CA CYS A 32 -1.28 0.75 -2.26
C CYS A 32 -2.64 0.58 -1.57
N GLU A 33 -2.87 1.38 -0.54
CA GLU A 33 -4.12 1.32 0.22
C GLU A 33 -5.25 1.97 -0.57
N GLU A 34 -4.98 3.16 -1.12
CA GLU A 34 -5.98 3.88 -1.89
C GLU A 34 -6.49 3.04 -3.06
N LYS A 35 -5.55 2.53 -3.86
CA LYS A 35 -5.89 1.72 -5.02
C LYS A 35 -6.55 0.41 -4.58
N PHE A 36 -6.43 0.09 -3.30
CA PHE A 36 -7.02 -1.13 -2.75
C PHE A 36 -8.53 -0.99 -2.62
N GLU A 37 -8.97 0.15 -2.12
CA GLU A 37 -10.40 0.41 -1.93
C GLU A 37 -11.09 0.58 -3.28
N ARG A 38 -11.92 -0.40 -3.64
CA ARG A 38 -12.64 -0.37 -4.90
C ARG A 38 -13.68 0.74 -4.90
N GLN A 39 -14.67 0.63 -4.00
CA GLN A 39 -15.72 1.62 -3.90
C GLN A 39 -15.16 2.97 -3.46
N GLN A 40 -15.07 3.91 -4.39
CA GLN A 40 -14.55 5.23 -4.09
C GLN A 40 -15.60 6.09 -3.40
N ARG A 41 -15.17 6.86 -2.40
CA ARG A 41 -16.07 7.72 -1.66
C ARG A 41 -16.22 9.08 -2.34
N SER A 1 -15.54 -11.04 0.93
CA SER A 1 -14.43 -11.84 0.43
C SER A 1 -13.66 -12.47 1.58
N GLU A 2 -12.84 -13.48 1.26
CA GLU A 2 -12.05 -14.17 2.27
C GLU A 2 -10.97 -13.25 2.84
N LYS A 3 -10.26 -12.56 1.96
CA LYS A 3 -9.20 -11.65 2.37
C LYS A 3 -8.97 -10.58 1.31
N PRO A 4 -9.89 -9.61 1.21
CA PRO A 4 -9.79 -8.52 0.25
C PRO A 4 -8.66 -7.55 0.57
N GLN A 5 -8.06 -7.72 1.74
CA GLN A 5 -6.97 -6.86 2.17
C GLN A 5 -5.62 -7.47 1.80
N GLN A 6 -5.64 -8.41 0.86
CA GLN A 6 -4.42 -9.07 0.42
C GLN A 6 -3.64 -8.18 -0.55
N GLU A 7 -4.36 -7.31 -1.26
CA GLU A 7 -3.74 -6.41 -2.22
C GLU A 7 -3.05 -5.25 -1.51
N LEU A 8 -3.59 -4.87 -0.35
CA LEU A 8 -3.03 -3.78 0.43
C LEU A 8 -1.66 -4.17 1.01
N GLU A 9 -1.61 -5.28 1.73
CA GLU A 9 -0.38 -5.75 2.33
C GLU A 9 0.76 -5.75 1.31
N GLU A 10 0.42 -6.02 0.06
CA GLU A 10 1.42 -6.04 -1.01
C GLU A 10 1.86 -4.63 -1.38
N CYS A 11 0.89 -3.73 -1.53
CA CYS A 11 1.18 -2.35 -1.87
C CYS A 11 2.10 -1.70 -0.83
N GLN A 12 1.78 -1.90 0.44
CA GLN A 12 2.58 -1.34 1.52
C GLN A 12 3.99 -1.91 1.49
N ASN A 13 4.10 -3.24 1.49
CA ASN A 13 5.40 -3.90 1.48
C ASN A 13 6.28 -3.34 0.36
N VAL A 14 5.70 -3.17 -0.82
CA VAL A 14 6.43 -2.63 -1.96
C VAL A 14 6.95 -1.23 -1.68
N CYS A 15 6.12 -0.43 -1.02
CA CYS A 15 6.50 0.94 -0.69
C CYS A 15 7.73 0.97 0.20
N ARG A 16 7.74 0.11 1.21
CA ARG A 16 8.86 0.03 2.15
C ARG A 16 10.11 -0.50 1.44
N MET A 17 9.91 -1.16 0.30
CA MET A 17 11.02 -1.72 -0.46
C MET A 17 11.54 -0.71 -1.48
N LYS A 18 10.98 0.50 -1.44
CA LYS A 18 11.39 1.56 -2.36
C LYS A 18 12.73 2.15 -1.95
N ARG A 19 13.49 2.62 -2.92
CA ARG A 19 14.80 3.20 -2.66
C ARG A 19 14.70 4.73 -2.56
N TRP A 20 13.56 5.22 -2.10
CA TRP A 20 13.34 6.64 -1.96
C TRP A 20 13.39 7.05 -0.48
N SER A 21 13.38 8.36 -0.24
CA SER A 21 13.43 8.88 1.12
C SER A 21 12.21 8.43 1.92
N THR A 22 12.31 8.50 3.24
CA THR A 22 11.22 8.11 4.12
C THR A 22 9.92 8.77 3.72
N GLU A 23 10.02 9.96 3.14
CA GLU A 23 8.84 10.70 2.71
C GLU A 23 8.08 9.93 1.62
N MET A 24 8.82 9.43 0.64
CA MET A 24 8.22 8.68 -0.45
C MET A 24 7.60 7.38 0.05
N VAL A 25 8.29 6.71 0.97
CA VAL A 25 7.80 5.46 1.53
C VAL A 25 6.49 5.67 2.29
N HIS A 26 6.55 6.49 3.33
CA HIS A 26 5.36 6.78 4.13
C HIS A 26 4.22 7.26 3.25
N ARG A 27 4.54 8.07 2.24
CA ARG A 27 3.53 8.59 1.33
C ARG A 27 2.94 7.48 0.48
N CYS A 28 3.80 6.67 -0.12
CA CYS A 28 3.35 5.56 -0.97
C CYS A 28 2.34 4.70 -0.23
N GLU A 29 2.61 4.44 1.04
CA GLU A 29 1.73 3.61 1.85
C GLU A 29 0.39 4.32 2.09
N LYS A 30 0.47 5.62 2.38
CA LYS A 30 -0.73 6.42 2.63
C LYS A 30 -1.71 6.30 1.46
N LYS A 31 -1.24 6.67 0.27
CA LYS A 31 -2.08 6.62 -0.92
C LYS A 31 -2.67 5.23 -1.11
N CYS A 32 -1.82 4.21 -1.00
CA CYS A 32 -2.26 2.82 -1.15
C CYS A 32 -3.42 2.52 -0.21
N GLU A 33 -3.42 3.17 0.95
CA GLU A 33 -4.48 2.96 1.94
C GLU A 33 -5.78 3.62 1.50
N GLU A 34 -5.73 4.93 1.28
CA GLU A 34 -6.92 5.68 0.86
C GLU A 34 -7.50 5.08 -0.42
N LYS A 35 -6.64 4.74 -1.37
CA LYS A 35 -7.07 4.16 -2.63
C LYS A 35 -7.73 2.79 -2.40
N PHE A 36 -7.53 2.24 -1.20
CA PHE A 36 -8.09 0.94 -0.87
C PHE A 36 -9.47 1.11 -0.22
N GLU A 37 -9.70 2.26 0.40
CA GLU A 37 -10.97 2.54 1.05
C GLU A 37 -12.13 2.36 0.07
N ARG A 38 -12.99 1.38 0.36
CA ARG A 38 -14.14 1.11 -0.51
C ARG A 38 -13.69 0.67 -1.90
N GLN A 39 -12.73 -0.23 -1.94
CA GLN A 39 -12.20 -0.73 -3.21
C GLN A 39 -11.72 -2.17 -3.07
N GLN A 40 -12.06 -2.99 -4.07
CA GLN A 40 -11.66 -4.40 -4.06
C GLN A 40 -11.72 -4.99 -5.46
N ARG A 41 -11.23 -6.21 -5.61
CA ARG A 41 -11.22 -6.89 -6.90
C ARG A 41 -11.17 -8.41 -6.72
N SER A 1 -12.62 -16.61 5.26
CA SER A 1 -12.54 -15.22 4.84
C SER A 1 -11.52 -15.06 3.71
N GLU A 2 -12.00 -14.70 2.53
CA GLU A 2 -11.14 -14.51 1.37
C GLU A 2 -10.06 -13.47 1.67
N LYS A 3 -10.36 -12.56 2.59
CA LYS A 3 -9.41 -11.52 2.97
C LYS A 3 -9.04 -10.67 1.76
N PRO A 4 -9.97 -9.78 1.35
CA PRO A 4 -9.76 -8.90 0.20
C PRO A 4 -8.73 -7.81 0.49
N GLN A 5 -8.37 -7.68 1.76
CA GLN A 5 -7.39 -6.67 2.17
C GLN A 5 -5.99 -7.28 2.25
N GLN A 6 -5.78 -8.37 1.51
CA GLN A 6 -4.48 -9.04 1.50
C GLN A 6 -3.55 -8.39 0.49
N GLU A 7 -4.11 -7.85 -0.58
CA GLU A 7 -3.32 -7.19 -1.61
C GLU A 7 -2.60 -5.97 -1.06
N LEU A 8 -3.24 -5.30 -0.10
CA LEU A 8 -2.67 -4.11 0.50
C LEU A 8 -1.27 -4.40 1.06
N GLU A 9 -1.16 -5.49 1.80
CA GLU A 9 0.12 -5.88 2.39
C GLU A 9 1.21 -5.91 1.33
N GLU A 10 0.85 -6.32 0.12
CA GLU A 10 1.80 -6.41 -0.98
C GLU A 10 2.18 -5.01 -1.47
N CYS A 11 1.20 -4.14 -1.60
CA CYS A 11 1.43 -2.77 -2.06
C CYS A 11 2.36 -2.03 -1.09
N GLN A 12 2.04 -2.10 0.20
CA GLN A 12 2.84 -1.43 1.22
C GLN A 12 4.24 -2.02 1.29
N ASN A 13 4.31 -3.36 1.28
CA ASN A 13 5.59 -4.06 1.34
C ASN A 13 6.53 -3.57 0.24
N VAL A 14 5.97 -3.30 -0.93
CA VAL A 14 6.76 -2.83 -2.06
C VAL A 14 7.23 -1.39 -1.84
N CYS A 15 6.34 -0.57 -1.32
CA CYS A 15 6.65 0.83 -1.06
C CYS A 15 7.86 0.96 -0.14
N ARG A 16 7.89 0.12 0.91
CA ARG A 16 8.99 0.14 1.86
C ARG A 16 10.29 -0.29 1.19
N MET A 17 10.18 -0.98 0.06
CA MET A 17 11.36 -1.44 -0.67
C MET A 17 11.79 -0.41 -1.70
N LYS A 18 11.22 0.79 -1.61
CA LYS A 18 11.55 1.86 -2.54
C LYS A 18 12.82 2.59 -2.10
N ARG A 19 13.80 2.66 -3.00
CA ARG A 19 15.06 3.33 -2.70
C ARG A 19 15.02 4.78 -3.16
N TRP A 20 13.90 5.45 -2.91
CA TRP A 20 13.73 6.84 -3.30
C TRP A 20 13.97 7.77 -2.11
N SER A 21 13.11 7.68 -1.11
CA SER A 21 13.22 8.51 0.08
C SER A 21 12.14 8.15 1.10
N THR A 22 12.49 8.30 2.38
CA THR A 22 11.55 7.99 3.46
C THR A 22 10.21 8.70 3.24
N GLU A 23 10.26 9.90 2.68
CA GLU A 23 9.05 10.67 2.42
C GLU A 23 8.16 9.95 1.41
N MET A 24 8.77 9.45 0.34
CA MET A 24 8.02 8.75 -0.70
C MET A 24 7.43 7.46 -0.17
N VAL A 25 8.14 6.81 0.75
CA VAL A 25 7.67 5.57 1.35
C VAL A 25 6.39 5.78 2.13
N HIS A 26 6.42 6.73 3.06
CA HIS A 26 5.25 7.05 3.88
C HIS A 26 4.06 7.41 3.01
N ARG A 27 4.28 8.29 2.04
CA ARG A 27 3.22 8.72 1.13
C ARG A 27 2.70 7.54 0.31
N CYS A 28 3.62 6.72 -0.18
CA CYS A 28 3.25 5.56 -0.98
C CYS A 28 2.33 4.63 -0.21
N GLU A 29 2.72 4.30 1.01
CA GLU A 29 1.93 3.41 1.86
C GLU A 29 0.52 3.97 2.06
N LYS A 30 0.44 5.18 2.58
CA LYS A 30 -0.85 5.83 2.82
C LYS A 30 -1.67 5.89 1.54
N LYS A 31 -0.99 5.88 0.40
CA LYS A 31 -1.66 5.93 -0.89
C LYS A 31 -2.29 4.58 -1.23
N CYS A 32 -1.52 3.51 -1.06
CA CYS A 32 -1.99 2.17 -1.34
C CYS A 32 -3.19 1.81 -0.47
N GLU A 33 -3.18 2.31 0.77
CA GLU A 33 -4.27 2.05 1.70
C GLU A 33 -5.50 2.89 1.35
N GLU A 34 -5.28 4.17 1.08
CA GLU A 34 -6.37 5.07 0.73
C GLU A 34 -7.08 4.60 -0.55
N LYS A 35 -6.29 4.32 -1.58
CA LYS A 35 -6.83 3.87 -2.85
C LYS A 35 -7.51 2.51 -2.70
N PHE A 36 -7.23 1.83 -1.59
CA PHE A 36 -7.82 0.53 -1.33
C PHE A 36 -9.28 0.65 -0.92
N GLU A 37 -9.51 1.36 0.19
CA GLU A 37 -10.87 1.56 0.69
C GLU A 37 -11.75 2.26 -0.35
N ARG A 38 -11.10 2.96 -1.28
CA ARG A 38 -11.82 3.68 -2.32
C ARG A 38 -12.44 2.71 -3.31
N GLN A 39 -11.76 1.60 -3.57
CA GLN A 39 -12.26 0.58 -4.50
C GLN A 39 -11.73 -0.79 -4.13
N GLN A 40 -12.63 -1.77 -4.05
CA GLN A 40 -12.24 -3.13 -3.72
C GLN A 40 -13.27 -4.13 -4.24
N ARG A 41 -12.80 -5.31 -4.62
CA ARG A 41 -13.68 -6.35 -5.14
C ARG A 41 -13.07 -7.74 -4.92
#